data_6WWX
#
_entry.id   6WWX
#
_cell.length_a   67.535
_cell.length_b   86.819
_cell.length_c   168.646
_cell.angle_alpha   90.000
_cell.angle_beta   90.000
_cell.angle_gamma   90.000
#
_symmetry.space_group_name_H-M   'P 21 21 21'
#
loop_
_entity.id
_entity.type
_entity.pdbx_description
1 polymer Hyaluronoglucosaminidase
2 branched '4-deoxy-alpha-L-threo-hex-4-enopyranuronic acid-(1-3)-2-acetamido-2-deoxy-beta-D-glucopyranose-(1-4)-beta-D-glucopyranuronic acid-(1-3)-2-acetamido-2-deoxy-beta-D-glucopyranose'
3 non-polymer 'NICKEL (II) ION'
4 water water
#
_entity_poly.entity_id   1
_entity_poly.type   'polypeptide(L)'
_entity_poly.pdbx_seq_one_letter_code
;DYDQLQNKPDLGAFAQKEETNSKITKLESSKADKSAVYSKAESKIELDKKLSLTGGIVTGQLQFKPNKSGIKPSSSVGGA
INIDMSKSEGAAMVMYTNKDTTDGPLMILRSDKDTFDQSAQFVDYSGKTNAVNIVMRQPSAPNFSSALNITSANEGGSAM
QIRGVEKALGTLKITHENPNVEAKYDENAAALSIDIVKKQKGGKGTAAQGIYINSTSGTAGKMLRIRNKNEDKFYVGPDG
GFHSGANSTVAGNLTVKDPTSGKHAATKDYVDEKIAELKKLILKKLEHHHHHH
;
_entity_poly.pdbx_strand_id   A,B,C
#
# COMPACT_ATOMS: atom_id res chain seq x y z
N GLU A 19 -5.33 -59.85 68.43
CA GLU A 19 -4.70 -58.88 69.38
C GLU A 19 -4.38 -57.52 68.67
N THR A 20 -3.14 -57.31 68.21
CA THR A 20 -2.69 -56.11 67.46
C THR A 20 -2.55 -56.39 65.94
N ASN A 21 -2.91 -57.60 65.51
CA ASN A 21 -3.08 -57.90 64.08
C ASN A 21 -4.24 -57.09 63.45
N SER A 22 -5.17 -56.62 64.28
CA SER A 22 -6.19 -55.64 63.85
C SER A 22 -5.59 -54.28 63.41
N LYS A 23 -4.64 -53.78 64.19
CA LYS A 23 -4.01 -52.47 63.93
C LYS A 23 -3.08 -52.52 62.72
N ILE A 24 -2.35 -53.62 62.59
CA ILE A 24 -1.48 -53.88 61.43
C ILE A 24 -2.29 -54.07 60.12
N THR A 25 -3.42 -54.77 60.20
CA THR A 25 -4.35 -54.92 59.07
C THR A 25 -4.98 -53.58 58.67
N LYS A 26 -5.23 -52.71 59.66
CA LYS A 26 -5.78 -51.37 59.44
C LYS A 26 -4.80 -50.44 58.72
N LEU A 27 -3.52 -50.53 59.08
CA LEU A 27 -2.48 -49.83 58.33
C LEU A 27 -2.35 -50.37 56.91
N GLU A 28 -2.43 -51.69 56.75
CA GLU A 28 -2.38 -52.33 55.42
C GLU A 28 -3.51 -51.87 54.48
N SER A 29 -4.69 -51.58 55.06
CA SER A 29 -5.86 -51.15 54.30
C SER A 29 -5.91 -49.62 54.11
N SER A 30 -5.74 -48.87 55.20
CA SER A 30 -5.96 -47.41 55.18
C SER A 30 -4.85 -46.63 54.45
N LYS A 31 -3.61 -47.12 54.48
CA LYS A 31 -2.46 -46.38 53.94
C LYS A 31 -2.09 -46.76 52.53
N ALA A 32 -1.50 -45.79 51.82
CA ALA A 32 -1.31 -45.91 50.38
C ALA A 32 0.00 -46.59 50.04
N ASP A 33 -0.07 -47.51 49.08
CA ASP A 33 1.12 -48.21 48.59
C ASP A 33 1.96 -47.25 47.73
N LYS A 34 3.29 -47.40 47.82
CA LYS A 34 4.17 -46.55 47.01
C LYS A 34 4.11 -46.91 45.54
N SER A 35 3.84 -48.17 45.21
CA SER A 35 3.61 -48.60 43.83
C SER A 35 2.37 -47.95 43.17
N ALA A 36 1.34 -47.65 43.95
CA ALA A 36 0.06 -47.14 43.42
C ALA A 36 -0.11 -45.61 43.48
N VAL A 37 0.95 -44.87 43.83
CA VAL A 37 0.91 -43.41 43.86
C VAL A 37 2.23 -42.86 43.29
N TYR A 38 2.21 -41.66 42.67
CA TYR A 38 3.43 -41.00 42.24
C TYR A 38 4.17 -40.41 43.43
N SER A 39 5.49 -40.63 43.51
CA SER A 39 6.33 -39.93 44.46
C SER A 39 6.46 -38.47 44.05
N LYS A 40 6.99 -37.63 44.94
CA LYS A 40 7.29 -36.23 44.61
C LYS A 40 8.29 -36.09 43.44
N ALA A 41 9.25 -37.00 43.37
CA ALA A 41 10.22 -37.02 42.25
C ALA A 41 9.56 -37.32 40.92
N GLU A 42 8.65 -38.31 40.93
CA GLU A 42 7.89 -38.66 39.72
C GLU A 42 6.88 -37.58 39.33
N SER A 43 6.31 -36.90 40.32
CA SER A 43 5.40 -35.79 40.10
C SER A 43 6.10 -34.63 39.41
N LYS A 44 7.30 -34.31 39.87
CA LYS A 44 8.10 -33.24 39.28
C LYS A 44 8.45 -33.52 37.82
N ILE A 45 8.88 -34.75 37.53
CA ILE A 45 9.14 -35.18 36.14
C ILE A 45 7.92 -34.94 35.24
N GLU A 46 6.73 -35.30 35.73
CA GLU A 46 5.50 -35.15 34.96
C GLU A 46 5.05 -33.69 34.85
N LEU A 47 5.13 -32.94 35.94
CA LEU A 47 4.82 -31.50 35.92
C LEU A 47 5.75 -30.67 35.04
N ASP A 48 7.04 -31.03 35.01
CA ASP A 48 8.03 -30.33 34.19
C ASP A 48 7.79 -30.48 32.68
N LYS A 49 7.03 -31.50 32.28
CA LYS A 49 6.58 -31.64 30.89
C LYS A 49 5.38 -30.76 30.52
N LYS A 50 4.79 -30.06 31.48
CA LYS A 50 3.64 -29.19 31.25
C LYS A 50 4.01 -27.73 31.32
N LEU A 51 3.29 -26.90 30.56
CA LEU A 51 3.54 -25.47 30.52
C LEU A 51 3.09 -24.79 31.80
N SER A 52 4.01 -24.08 32.42
CA SER A 52 3.69 -23.20 33.55
C SER A 52 3.06 -21.91 33.06
N LEU A 53 2.08 -21.41 33.82
CA LEU A 53 1.49 -20.11 33.55
C LEU A 53 2.49 -18.95 33.60
N THR A 54 3.58 -19.10 34.36
CA THR A 54 4.65 -18.10 34.40
C THR A 54 5.58 -18.13 33.19
N GLY A 55 5.42 -19.10 32.29
CA GLY A 55 6.18 -19.12 31.03
C GLY A 55 6.92 -20.42 30.81
N GLY A 56 7.32 -20.63 29.56
CA GLY A 56 8.02 -21.83 29.19
C GLY A 56 8.29 -21.91 27.71
N ILE A 57 8.90 -23.02 27.32
CA ILE A 57 9.32 -23.28 25.96
C ILE A 57 8.51 -24.43 25.38
N VAL A 58 7.66 -24.11 24.40
CA VAL A 58 6.93 -25.12 23.63
C VAL A 58 7.76 -25.54 22.42
N THR A 59 7.92 -26.84 22.23
CA THR A 59 8.77 -27.39 21.17
C THR A 59 7.99 -28.11 20.08
N GLY A 60 6.68 -28.26 20.24
CA GLY A 60 5.82 -28.83 19.19
C GLY A 60 4.76 -27.83 18.74
N GLN A 61 3.75 -28.35 18.03
CA GLN A 61 2.69 -27.50 17.54
C GLN A 61 1.67 -27.26 18.63
N LEU A 62 1.30 -25.99 18.82
CA LEU A 62 0.18 -25.63 19.67
C LEU A 62 -0.99 -25.30 18.76
N GLN A 63 -2.02 -26.13 18.83
CA GLN A 63 -3.20 -25.97 18.01
C GLN A 63 -4.32 -25.36 18.84
N PHE A 64 -5.01 -24.39 18.28
CA PHE A 64 -6.21 -23.83 18.88
C PHE A 64 -7.39 -24.26 18.03
N LYS A 65 -8.35 -24.91 18.69
CA LYS A 65 -9.57 -25.39 18.07
C LYS A 65 -10.72 -25.06 18.98
N PRO A 66 -11.07 -23.76 19.08
CA PRO A 66 -12.22 -23.41 19.90
C PRO A 66 -13.50 -23.92 19.26
N ASN A 67 -14.44 -24.31 20.10
CA ASN A 67 -15.70 -24.90 19.63
C ASN A 67 -16.68 -24.78 20.77
N LYS A 68 -17.67 -23.91 20.62
CA LYS A 68 -18.57 -23.52 21.73
C LYS A 68 -17.76 -23.20 22.98
N SER A 69 -16.76 -22.34 22.81
CA SER A 69 -15.82 -21.98 23.86
C SER A 69 -15.92 -20.51 24.31
N GLY A 70 -16.97 -19.80 23.87
CA GLY A 70 -17.19 -18.40 24.23
C GLY A 70 -16.19 -17.39 23.65
N ILE A 71 -15.57 -17.70 22.52
CA ILE A 71 -14.57 -16.81 21.91
C ILE A 71 -15.29 -15.62 21.30
N LYS A 72 -14.76 -14.43 21.55
CA LYS A 72 -15.40 -13.18 21.15
C LYS A 72 -14.64 -12.45 20.05
N PRO A 73 -15.33 -11.57 19.31
CA PRO A 73 -14.67 -10.72 18.32
C PRO A 73 -14.06 -9.43 18.88
N SER A 74 -14.33 -9.11 20.16
CA SER A 74 -13.90 -7.82 20.74
C SER A 74 -12.44 -7.51 20.45
N SER A 75 -12.18 -6.31 20.00
CA SER A 75 -10.81 -5.84 19.73
C SER A 75 -9.99 -5.52 21.00
N SER A 76 -10.61 -5.63 22.20
CA SER A 76 -9.88 -5.52 23.46
C SER A 76 -9.69 -6.86 24.16
N VAL A 77 -10.77 -7.65 24.29
CA VAL A 77 -10.77 -8.87 25.13
C VAL A 77 -11.05 -10.19 24.37
N GLY A 78 -11.25 -10.09 23.05
CA GLY A 78 -11.58 -11.24 22.24
C GLY A 78 -10.40 -12.06 21.80
N GLY A 79 -10.67 -13.01 20.91
CA GLY A 79 -9.65 -13.85 20.31
C GLY A 79 -9.50 -15.18 21.00
N ALA A 80 -9.14 -16.21 20.23
CA ALA A 80 -8.73 -17.48 20.79
C ALA A 80 -7.42 -17.28 21.55
N ILE A 81 -6.55 -16.42 21.03
CA ILE A 81 -5.45 -15.86 21.80
C ILE A 81 -5.72 -14.37 21.96
N ASN A 82 -5.61 -13.89 23.20
CA ASN A 82 -5.64 -12.46 23.50
C ASN A 82 -4.35 -12.08 24.18
N ILE A 83 -3.67 -11.07 23.66
CA ILE A 83 -2.50 -10.52 24.33
C ILE A 83 -2.81 -9.08 24.68
N ASP A 84 -2.80 -8.78 25.98
CA ASP A 84 -3.05 -7.42 26.50
C ASP A 84 -1.75 -6.90 27.06
N MET A 85 -1.18 -5.88 26.41
CA MET A 85 0.08 -5.31 26.87
C MET A 85 -0.09 -4.04 27.72
N SER A 86 -1.31 -3.77 28.20
CA SER A 86 -1.59 -2.54 28.93
C SER A 86 -0.72 -2.33 30.20
N LYS A 87 -0.30 -3.41 30.84
CA LYS A 87 0.48 -3.32 32.09
C LYS A 87 1.92 -3.82 31.94
N SER A 88 2.46 -3.77 30.72
CA SER A 88 3.76 -4.37 30.46
C SER A 88 4.49 -3.65 29.35
N GLU A 89 5.80 -3.59 29.49
CA GLU A 89 6.68 -3.16 28.43
C GLU A 89 6.78 -4.28 27.41
N GLY A 90 7.40 -3.98 26.27
CA GLY A 90 7.69 -4.97 25.27
C GLY A 90 6.62 -5.16 24.20
N ALA A 91 6.95 -6.02 23.26
CA ALA A 91 6.05 -6.43 22.19
C ALA A 91 5.08 -7.46 22.69
N ALA A 92 3.91 -7.49 22.07
CA ALA A 92 2.97 -8.59 22.28
C ALA A 92 3.49 -9.89 21.67
N MET A 93 3.88 -9.83 20.41
CA MET A 93 4.37 -11.01 19.70
C MET A 93 5.51 -10.73 18.75
N VAL A 94 6.48 -11.64 18.74
CA VAL A 94 7.64 -11.57 17.88
C VAL A 94 7.81 -12.91 17.15
N MET A 95 7.93 -12.87 15.83
CA MET A 95 8.25 -14.04 15.02
C MET A 95 9.59 -13.73 14.35
N TYR A 96 10.56 -14.59 14.59
CA TYR A 96 11.94 -14.38 14.16
C TYR A 96 12.46 -15.58 13.39
N THR A 97 13.21 -15.33 12.33
CA THR A 97 13.95 -16.40 11.68
C THR A 97 15.27 -15.88 11.11
N ASN A 98 16.32 -16.69 11.25
CA ASN A 98 17.60 -16.44 10.55
C ASN A 98 17.88 -17.55 9.54
N LYS A 99 16.85 -18.30 9.19
CA LYS A 99 16.98 -19.38 8.22
C LYS A 99 17.40 -18.87 6.84
N ASP A 100 18.29 -19.61 6.19
CA ASP A 100 18.78 -19.27 4.86
C ASP A 100 17.66 -19.39 3.81
N THR A 101 16.86 -20.44 3.95
CA THR A 101 15.73 -20.75 3.09
C THR A 101 14.78 -21.63 3.90
N THR A 102 13.54 -21.75 3.44
CA THR A 102 12.56 -22.60 4.11
C THR A 102 11.34 -22.82 3.20
N ASP A 103 10.35 -23.54 3.71
CA ASP A 103 9.26 -24.03 2.87
C ASP A 103 7.96 -23.23 2.99
N GLY A 104 7.91 -22.22 3.86
CA GLY A 104 6.73 -21.38 3.97
C GLY A 104 6.98 -20.07 4.67
N PRO A 105 6.03 -19.13 4.54
CA PRO A 105 6.16 -17.81 5.17
C PRO A 105 6.08 -17.87 6.68
N LEU A 106 6.57 -16.84 7.36
CA LEU A 106 6.49 -16.80 8.83
C LEU A 106 5.06 -16.79 9.33
N MET A 107 4.22 -15.91 8.77
CA MET A 107 2.84 -15.75 9.22
C MET A 107 1.88 -15.89 8.07
N ILE A 108 0.82 -16.66 8.26
CA ILE A 108 -0.22 -16.87 7.26
C ILE A 108 -1.59 -16.61 7.86
N LEU A 109 -2.38 -15.82 7.15
CA LEU A 109 -3.80 -15.64 7.43
C LEU A 109 -4.56 -16.14 6.21
N ARG A 110 -5.53 -17.04 6.41
CA ARG A 110 -6.29 -17.61 5.32
C ARG A 110 -7.78 -17.75 5.63
N SER A 111 -8.60 -17.28 4.69
CA SER A 111 -10.03 -17.45 4.72
C SER A 111 -10.46 -18.12 3.42
N ASP A 112 -11.29 -19.15 3.51
CA ASP A 112 -11.68 -19.97 2.34
C ASP A 112 -13.05 -19.70 1.73
N LYS A 113 -14.01 -19.18 2.50
CA LYS A 113 -15.38 -19.04 1.98
C LYS A 113 -15.63 -17.70 1.32
N ASP A 114 -16.27 -17.76 0.14
CA ASP A 114 -16.60 -16.55 -0.62
C ASP A 114 -17.58 -15.63 0.12
N THR A 115 -18.34 -16.18 1.06
CA THR A 115 -19.28 -15.40 1.87
C THR A 115 -18.65 -14.77 3.11
N PHE A 116 -17.41 -15.13 3.42
CA PHE A 116 -16.73 -14.61 4.63
C PHE A 116 -16.81 -13.08 4.66
N ASP A 117 -17.31 -12.54 5.76
CA ASP A 117 -17.77 -11.14 5.80
C ASP A 117 -16.93 -10.28 6.75
N GLN A 118 -15.73 -10.74 7.06
CA GLN A 118 -14.82 -10.00 7.92
C GLN A 118 -13.45 -10.00 7.27
N SER A 119 -12.60 -9.09 7.72
CA SER A 119 -11.21 -9.01 7.24
C SER A 119 -10.37 -10.13 7.81
N ALA A 120 -9.29 -10.46 7.11
CA ALA A 120 -8.25 -11.31 7.70
C ALA A 120 -7.51 -10.55 8.81
N GLN A 121 -7.23 -9.27 8.56
CA GLN A 121 -6.49 -8.43 9.52
C GLN A 121 -7.09 -7.05 9.63
N PHE A 122 -7.27 -6.62 10.86
CA PHE A 122 -7.75 -5.27 11.16
C PHE A 122 -6.78 -4.63 12.14
N VAL A 123 -6.27 -3.45 11.76
CA VAL A 123 -5.41 -2.64 12.63
C VAL A 123 -6.16 -1.37 12.99
N ASP A 124 -6.42 -1.20 14.28
CA ASP A 124 -7.17 -0.07 14.82
C ASP A 124 -6.18 0.74 15.65
N TYR A 125 -5.58 1.74 15.02
CA TYR A 125 -4.42 2.41 15.58
C TYR A 125 -4.69 3.83 16.02
N SER A 126 -4.43 4.07 17.29
CA SER A 126 -4.21 5.42 17.84
C SER A 126 -2.76 5.49 18.29
N GLY A 127 -2.14 6.64 18.07
CA GLY A 127 -0.75 6.84 18.43
C GLY A 127 -0.10 7.93 17.61
N LYS A 128 1.22 8.09 17.80
CA LYS A 128 2.02 9.17 17.24
C LYS A 128 3.04 8.71 16.21
N THR A 129 3.09 7.43 15.87
CA THR A 129 4.00 6.97 14.84
C THR A 129 3.24 6.14 13.80
N ASN A 130 3.95 5.48 12.90
CA ASN A 130 3.30 4.79 11.79
C ASN A 130 2.63 3.52 12.29
N ALA A 131 1.36 3.33 11.92
CA ALA A 131 0.58 2.20 12.47
C ALA A 131 1.19 0.85 12.04
N VAL A 132 1.53 0.75 10.75
CA VAL A 132 2.17 -0.43 10.20
C VAL A 132 3.40 0.05 9.43
N ASN A 133 4.52 -0.62 9.67
CA ASN A 133 5.79 -0.19 9.10
C ASN A 133 6.47 -1.40 8.47
N ILE A 134 6.68 -1.38 7.16
CA ILE A 134 7.23 -2.55 6.44
C ILE A 134 8.54 -2.13 5.81
N VAL A 135 9.61 -2.82 6.17
CA VAL A 135 10.95 -2.48 5.68
C VAL A 135 11.59 -3.68 4.98
N MET A 136 12.04 -3.48 3.75
CA MET A 136 12.88 -4.45 3.05
C MET A 136 14.33 -3.96 3.12
N ARG A 137 15.17 -4.69 3.86
CA ARG A 137 16.58 -4.34 4.03
C ARG A 137 17.36 -4.52 2.73
N GLN A 138 18.54 -3.89 2.70
CA GLN A 138 19.39 -3.96 1.53
C GLN A 138 19.91 -5.38 1.33
N PRO A 139 19.60 -6.01 0.19
CA PRO A 139 20.19 -7.34 -0.09
C PRO A 139 21.64 -7.21 -0.55
N SER A 140 22.44 -8.27 -0.44
CA SER A 140 23.82 -8.26 -1.00
C SER A 140 23.80 -8.20 -2.51
N ALA A 141 22.83 -8.88 -3.12
CA ALA A 141 22.61 -8.71 -4.57
C ALA A 141 21.16 -8.27 -4.84
N PRO A 142 20.98 -7.16 -5.59
CA PRO A 142 19.63 -6.72 -5.97
C PRO A 142 18.85 -7.82 -6.68
N ASN A 143 17.54 -7.85 -6.48
CA ASN A 143 16.69 -8.89 -7.02
C ASN A 143 15.30 -8.31 -7.15
N PHE A 144 14.43 -8.90 -7.96
CA PHE A 144 13.08 -8.37 -8.12
C PHE A 144 12.20 -8.92 -6.99
N SER A 145 12.12 -8.16 -5.91
CA SER A 145 11.23 -8.45 -4.80
C SER A 145 10.86 -7.12 -4.13
N SER A 146 9.70 -7.11 -3.47
CA SER A 146 9.08 -5.89 -2.95
C SER A 146 8.87 -5.99 -1.46
N ALA A 147 8.70 -4.84 -0.83
CA ALA A 147 8.27 -4.80 0.56
C ALA A 147 6.81 -5.24 0.67
N LEU A 148 5.98 -4.83 -0.30
CA LEU A 148 4.55 -5.14 -0.28
C LEU A 148 4.04 -5.49 -1.66
N ASN A 149 3.37 -6.63 -1.76
CA ASN A 149 2.76 -7.10 -3.02
C ASN A 149 1.29 -7.34 -2.76
N ILE A 150 0.47 -6.68 -3.59
CA ILE A 150 -0.97 -6.71 -3.51
C ILE A 150 -1.53 -7.24 -4.84
N THR A 151 -2.40 -8.23 -4.76
CA THR A 151 -3.04 -8.83 -5.93
C THR A 151 -4.51 -9.10 -5.65
N SER A 152 -5.37 -8.71 -6.58
CA SER A 152 -6.79 -9.09 -6.52
C SER A 152 -7.23 -9.70 -7.83
N ALA A 153 -8.06 -10.74 -7.73
CA ALA A 153 -8.78 -11.29 -8.88
C ALA A 153 -10.28 -10.95 -8.85
N ASN A 154 -10.67 -9.94 -8.07
CA ASN A 154 -12.06 -9.49 -7.97
C ASN A 154 -12.27 -8.29 -8.89
N GLU A 155 -12.98 -8.48 -10.00
CA GLU A 155 -13.25 -7.39 -10.92
C GLU A 155 -14.25 -6.34 -10.43
N GLY A 156 -14.97 -6.65 -9.35
CA GLY A 156 -15.97 -5.73 -8.79
C GLY A 156 -15.42 -4.70 -7.82
N GLY A 157 -14.12 -4.77 -7.50
CA GLY A 157 -13.53 -3.86 -6.52
C GLY A 157 -12.10 -3.48 -6.79
N SER A 158 -11.75 -2.26 -6.39
CA SER A 158 -10.37 -1.80 -6.41
C SER A 158 -9.49 -2.72 -5.59
N ALA A 159 -8.37 -3.14 -6.16
CA ALA A 159 -7.40 -3.97 -5.44
C ALA A 159 -6.96 -3.33 -4.13
N MET A 160 -6.81 -1.99 -4.16
CA MET A 160 -6.42 -1.23 -3.00
C MET A 160 -7.14 0.12 -2.95
N GLN A 161 -7.45 0.53 -1.71
CA GLN A 161 -8.07 1.79 -1.41
C GLN A 161 -7.25 2.55 -0.37
N ILE A 162 -7.10 3.85 -0.57
CA ILE A 162 -6.50 4.74 0.40
C ILE A 162 -7.35 6.00 0.55
N ARG A 163 -7.62 6.41 1.78
CA ARG A 163 -8.28 7.67 2.08
C ARG A 163 -7.56 8.38 3.21
N GLY A 164 -7.31 9.66 3.00
CA GLY A 164 -6.67 10.52 3.99
C GLY A 164 -7.30 11.90 4.03
N VAL A 165 -6.92 12.67 5.03
CA VAL A 165 -7.52 14.00 5.29
C VAL A 165 -6.42 15.06 5.51
N GLU A 166 -5.38 15.00 4.69
CA GLU A 166 -4.20 15.82 4.90
C GLU A 166 -4.50 17.30 4.66
N LYS A 167 -3.97 18.14 5.54
CA LYS A 167 -4.09 19.59 5.36
C LYS A 167 -3.17 20.04 4.23
N ALA A 168 -1.90 19.62 4.27
CA ALA A 168 -0.89 20.14 3.39
C ALA A 168 0.12 19.10 2.91
N LEU A 169 -0.35 17.89 2.65
CA LEU A 169 0.47 16.79 2.19
C LEU A 169 -0.35 15.89 1.25
N GLY A 170 0.32 14.94 0.63
CA GLY A 170 -0.34 13.96 -0.19
C GLY A 170 -0.93 12.84 0.63
N THR A 171 -2.10 12.35 0.22
CA THR A 171 -2.69 11.18 0.85
C THR A 171 -1.78 9.97 0.69
N LEU A 172 -1.21 9.81 -0.50
CA LEU A 172 -0.14 8.87 -0.75
C LEU A 172 1.09 9.65 -1.12
N LYS A 173 2.18 9.41 -0.41
CA LYS A 173 3.47 10.03 -0.67
C LYS A 173 4.44 8.96 -1.14
N ILE A 174 4.97 9.15 -2.36
CA ILE A 174 5.95 8.26 -2.93
C ILE A 174 7.23 9.03 -3.15
N THR A 175 8.32 8.52 -2.61
CA THR A 175 9.66 9.04 -2.87
C THR A 175 10.54 8.00 -3.55
N HIS A 176 11.10 8.38 -4.70
CA HIS A 176 12.19 7.63 -5.30
C HIS A 176 13.52 8.29 -4.94
N GLU A 177 14.44 7.49 -4.37
CA GLU A 177 15.77 7.96 -4.02
C GLU A 177 16.79 7.21 -4.91
N ASN A 178 17.74 7.94 -5.50
CA ASN A 178 18.76 7.32 -6.34
C ASN A 178 19.53 6.36 -5.44
N PRO A 179 19.64 5.07 -5.82
CA PRO A 179 20.45 4.16 -5.01
C PRO A 179 21.95 4.44 -5.06
N ASN A 180 22.41 5.20 -6.04
CA ASN A 180 23.83 5.39 -6.33
C ASN A 180 24.19 6.86 -6.28
N VAL A 181 25.47 7.14 -6.00
CA VAL A 181 25.96 8.53 -5.99
C VAL A 181 25.94 9.20 -7.39
N GLU A 182 26.11 8.41 -8.44
CA GLU A 182 26.15 8.96 -9.81
C GLU A 182 24.76 9.35 -10.29
N ALA A 183 24.66 10.55 -10.85
CA ALA A 183 23.39 11.19 -11.16
C ALA A 183 22.57 10.53 -12.28
N LYS A 184 23.22 9.90 -13.24
CA LYS A 184 22.54 9.20 -14.34
C LYS A 184 22.20 7.73 -14.06
N TYR A 185 22.63 7.17 -12.93
CA TYR A 185 22.43 5.76 -12.65
C TYR A 185 20.95 5.34 -12.70
N ASP A 186 20.07 6.19 -12.19
CA ASP A 186 18.64 5.86 -12.07
C ASP A 186 17.77 6.41 -13.20
N GLU A 187 18.38 6.63 -14.36
CA GLU A 187 17.70 7.28 -15.46
C GLU A 187 16.48 6.53 -16.01
N ASN A 188 16.44 5.21 -15.85
CA ASN A 188 15.26 4.44 -16.24
C ASN A 188 14.22 4.25 -15.12
N ALA A 189 14.49 4.76 -13.92
CA ALA A 189 13.58 4.59 -12.78
C ALA A 189 12.46 5.61 -12.80
N ALA A 190 11.44 5.31 -12.01
CA ALA A 190 10.34 6.24 -11.76
C ALA A 190 9.83 6.11 -10.33
N ALA A 191 9.15 7.13 -9.83
CA ALA A 191 8.42 7.02 -8.58
C ALA A 191 7.17 6.15 -8.75
N LEU A 192 6.43 6.38 -9.83
CA LEU A 192 5.23 5.61 -10.14
C LEU A 192 5.33 5.03 -11.53
N SER A 193 5.15 3.71 -11.65
CA SER A 193 5.12 3.01 -12.93
C SER A 193 3.77 2.29 -13.08
N ILE A 194 3.09 2.55 -14.18
CA ILE A 194 1.77 1.97 -14.45
C ILE A 194 1.84 1.14 -15.72
N ASP A 195 1.29 -0.08 -15.68
CA ASP A 195 1.06 -0.89 -16.87
C ASP A 195 -0.40 -1.30 -16.98
N ILE A 196 -0.83 -1.43 -18.23
CA ILE A 196 -2.21 -1.70 -18.59
C ILE A 196 -2.12 -2.86 -19.58
N VAL A 197 -2.62 -4.03 -19.18
CA VAL A 197 -2.45 -5.24 -19.99
C VAL A 197 -3.77 -5.95 -20.24
N LYS A 198 -3.75 -6.75 -21.30
CA LYS A 198 -4.87 -7.60 -21.66
C LYS A 198 -4.87 -8.81 -20.73
N LYS A 199 -6.01 -9.51 -20.69
CA LYS A 199 -6.10 -10.77 -19.95
C LYS A 199 -4.98 -11.72 -20.39
N GLN A 200 -4.29 -12.32 -19.41
CA GLN A 200 -3.11 -13.15 -19.68
C GLN A 200 -3.45 -14.37 -20.52
N LYS A 201 -4.57 -15.03 -20.20
CA LYS A 201 -5.01 -16.21 -20.94
C LYS A 201 -6.06 -15.83 -21.96
N GLY A 202 -5.60 -15.62 -23.19
CA GLY A 202 -6.48 -15.44 -24.35
C GLY A 202 -7.06 -14.06 -24.55
N GLY A 203 -6.51 -13.05 -23.89
CA GLY A 203 -7.05 -11.71 -23.99
C GLY A 203 -6.91 -11.16 -25.39
N LYS A 204 -7.95 -10.51 -25.88
CA LYS A 204 -7.97 -9.87 -27.20
C LYS A 204 -7.56 -8.40 -27.15
N GLY A 205 -7.38 -7.83 -25.95
CA GLY A 205 -6.94 -6.45 -25.80
C GLY A 205 -7.46 -5.81 -24.52
N THR A 206 -7.36 -4.49 -24.48
CA THR A 206 -7.86 -3.72 -23.35
C THR A 206 -8.16 -2.30 -23.79
N ALA A 207 -9.13 -1.68 -23.12
CA ALA A 207 -9.45 -0.29 -23.26
C ALA A 207 -9.31 0.46 -21.94
N ALA A 208 -8.64 -0.15 -20.95
CA ALA A 208 -8.46 0.49 -19.64
C ALA A 208 -7.58 1.73 -19.73
N GLN A 209 -7.84 2.66 -18.82
CA GLN A 209 -7.18 3.95 -18.76
C GLN A 209 -5.97 3.90 -17.81
N GLY A 210 -5.03 4.80 -18.00
CA GLY A 210 -3.85 4.85 -17.11
C GLY A 210 -4.22 5.48 -15.77
N ILE A 211 -4.36 6.79 -15.77
CA ILE A 211 -4.70 7.56 -14.59
C ILE A 211 -6.00 8.30 -14.85
N TYR A 212 -6.95 8.13 -13.91
CA TYR A 212 -8.22 8.83 -13.91
C TYR A 212 -8.26 9.73 -12.66
N ILE A 213 -8.37 11.04 -12.88
CA ILE A 213 -8.50 12.01 -11.80
C ILE A 213 -9.86 12.66 -11.90
N ASN A 214 -10.57 12.71 -10.77
CA ASN A 214 -11.84 13.44 -10.66
C ASN A 214 -11.90 14.19 -9.34
N SER A 215 -12.77 15.17 -9.27
CA SER A 215 -13.28 15.70 -8.01
C SER A 215 -14.79 15.63 -8.06
N THR A 216 -15.37 14.62 -7.41
CA THR A 216 -16.80 14.45 -7.44
C THR A 216 -17.52 15.66 -6.87
N SER A 217 -17.02 16.24 -5.79
CA SER A 217 -17.63 17.47 -5.24
C SER A 217 -17.08 18.77 -5.87
N GLY A 218 -15.95 18.70 -6.56
CA GLY A 218 -15.42 19.86 -7.29
C GLY A 218 -14.34 20.57 -6.52
N THR A 219 -13.20 20.85 -7.17
CA THR A 219 -12.07 21.45 -6.46
C THR A 219 -11.60 22.72 -7.14
N ALA A 220 -11.11 23.65 -6.32
CA ALA A 220 -10.42 24.85 -6.80
C ALA A 220 -8.95 24.61 -7.09
N GLY A 221 -8.43 23.43 -6.74
CA GLY A 221 -7.00 23.17 -6.90
C GLY A 221 -6.59 22.77 -8.28
N LYS A 222 -5.29 22.86 -8.55
CA LYS A 222 -4.73 22.30 -9.78
C LYS A 222 -4.87 20.77 -9.76
N MET A 223 -5.24 20.19 -10.89
CA MET A 223 -5.47 18.75 -11.00
C MET A 223 -4.15 18.01 -11.12
N LEU A 224 -3.19 18.65 -11.79
CA LEU A 224 -1.85 18.10 -11.95
C LEU A 224 -0.89 19.26 -11.78
N ARG A 225 0.07 19.13 -10.89
CA ARG A 225 1.07 20.15 -10.65
C ARG A 225 2.45 19.52 -10.62
N ILE A 226 3.29 19.95 -11.55
CA ILE A 226 4.62 19.41 -11.73
C ILE A 226 5.63 20.50 -11.45
N ARG A 227 6.56 20.17 -10.55
CA ARG A 227 7.67 21.02 -10.18
C ARG A 227 8.97 20.25 -10.26
N ASN A 228 10.07 20.98 -10.38
CA ASN A 228 11.40 20.42 -10.39
C ASN A 228 12.27 21.44 -9.65
N LYS A 229 13.01 21.00 -8.65
CA LYS A 229 13.69 21.90 -7.68
C LYS A 229 12.72 22.94 -7.08
N ASN A 230 11.52 22.49 -6.74
CA ASN A 230 10.47 23.32 -6.11
C ASN A 230 9.85 24.42 -6.98
N GLU A 231 10.23 24.48 -8.26
CA GLU A 231 9.78 25.53 -9.18
C GLU A 231 8.74 24.95 -10.12
N ASP A 232 7.61 25.64 -10.26
CA ASP A 232 6.56 25.23 -11.18
C ASP A 232 7.09 25.10 -12.64
N LYS A 233 6.86 23.93 -13.23
CA LYS A 233 7.23 23.63 -14.60
C LYS A 233 6.03 23.39 -15.52
N PHE A 234 5.00 22.71 -15.02
CA PHE A 234 3.83 22.32 -15.81
C PHE A 234 2.67 22.08 -14.87
N TYR A 235 1.50 22.56 -15.25
CA TYR A 235 0.30 22.23 -14.49
C TYR A 235 -0.93 22.19 -15.34
N VAL A 236 -1.94 21.45 -14.86
CA VAL A 236 -3.29 21.47 -15.41
C VAL A 236 -4.20 22.04 -14.32
N GLY A 237 -4.89 23.13 -14.64
CA GLY A 237 -5.73 23.82 -13.68
C GLY A 237 -7.07 23.13 -13.50
N PRO A 238 -7.88 23.61 -12.54
CA PRO A 238 -9.22 23.05 -12.28
C PRO A 238 -10.20 23.16 -13.45
N ASP A 239 -9.95 24.11 -14.36
CA ASP A 239 -10.71 24.27 -15.59
C ASP A 239 -10.21 23.41 -16.78
N GLY A 240 -9.08 22.72 -16.60
CA GLY A 240 -8.49 21.92 -17.67
C GLY A 240 -7.48 22.62 -18.55
N GLY A 241 -7.31 23.93 -18.37
CA GLY A 241 -6.27 24.68 -19.05
C GLY A 241 -4.92 24.22 -18.52
N PHE A 242 -3.91 24.21 -19.39
CA PHE A 242 -2.57 23.85 -18.98
C PHE A 242 -1.61 25.01 -19.12
N HIS A 243 -0.56 24.97 -18.30
CA HIS A 243 0.55 25.88 -18.43
C HIS A 243 1.81 25.02 -18.56
N SER A 244 2.58 25.24 -19.63
CA SER A 244 3.88 24.60 -19.83
C SER A 244 4.98 25.62 -19.74
N GLY A 245 6.06 25.28 -19.05
CA GLY A 245 7.14 26.23 -18.74
C GLY A 245 8.30 26.30 -19.73
N ALA A 246 8.18 25.66 -20.89
CA ALA A 246 9.27 25.68 -21.87
C ALA A 246 8.80 25.25 -23.25
N ASN A 247 9.69 25.41 -24.24
CA ASN A 247 9.42 25.02 -25.62
C ASN A 247 8.80 23.62 -25.67
N SER A 248 7.76 23.47 -26.50
CA SER A 248 6.96 22.26 -26.57
C SER A 248 6.65 21.90 -28.02
N THR A 249 6.16 20.69 -28.23
CA THR A 249 5.92 20.16 -29.57
C THR A 249 4.63 19.33 -29.62
N VAL A 250 3.86 19.52 -30.69
CA VAL A 250 2.77 18.62 -31.07
C VAL A 250 3.14 18.00 -32.41
N ALA A 251 3.27 16.69 -32.46
CA ALA A 251 3.49 15.96 -33.72
C ALA A 251 2.14 15.76 -34.39
N GLY A 252 1.62 16.86 -34.93
CA GLY A 252 0.25 16.92 -35.45
C GLY A 252 -0.21 18.37 -35.44
N ASN A 253 -1.47 18.57 -35.81
CA ASN A 253 -2.08 19.90 -35.76
C ASN A 253 -2.63 20.17 -34.36
N LEU A 254 -2.65 21.45 -33.98
CA LEU A 254 -3.31 21.88 -32.77
C LEU A 254 -4.49 22.75 -33.14
N THR A 255 -5.69 22.33 -32.74
CA THR A 255 -6.90 23.14 -32.86
C THR A 255 -7.02 24.11 -31.67
N VAL A 256 -7.23 25.39 -31.97
CA VAL A 256 -7.39 26.45 -30.97
C VAL A 256 -8.49 27.41 -31.39
N LYS A 257 -8.91 28.27 -30.46
CA LYS A 257 -9.80 29.38 -30.77
C LYS A 257 -9.05 30.47 -31.54
N ASP A 258 -9.78 31.26 -32.33
CA ASP A 258 -9.23 32.45 -33.00
C ASP A 258 -8.62 33.39 -31.97
N PRO A 259 -7.44 33.97 -32.27
CA PRO A 259 -6.79 34.83 -31.29
C PRO A 259 -7.53 36.16 -31.11
N THR A 260 -7.57 36.64 -29.87
CA THR A 260 -8.05 37.98 -29.54
C THR A 260 -7.00 38.79 -28.79
N SER A 261 -5.78 38.26 -28.64
CA SER A 261 -4.73 38.98 -27.92
C SER A 261 -3.43 38.71 -28.65
N GLY A 262 -2.45 39.58 -28.44
CA GLY A 262 -1.21 39.60 -29.20
C GLY A 262 -0.41 38.31 -29.22
N LYS A 263 -0.32 37.65 -28.07
CA LYS A 263 0.45 36.40 -27.96
C LYS A 263 -0.40 35.12 -28.09
N HIS A 264 -1.69 35.24 -28.41
CA HIS A 264 -2.50 34.08 -28.74
C HIS A 264 -2.05 33.49 -30.07
N ALA A 265 -1.97 32.16 -30.14
CA ALA A 265 -1.67 31.47 -31.39
C ALA A 265 -2.71 31.85 -32.43
N ALA A 266 -2.26 32.14 -33.63
CA ALA A 266 -3.16 32.47 -34.72
C ALA A 266 -3.65 31.20 -35.39
N THR A 267 -4.95 31.18 -35.70
CA THR A 267 -5.53 30.11 -36.50
C THR A 267 -5.31 30.35 -37.99
N LYS A 268 -5.48 29.28 -38.76
CA LYS A 268 -5.49 29.38 -40.21
C LYS A 268 -6.53 30.40 -40.69
N ASP A 269 -7.73 30.35 -40.11
CA ASP A 269 -8.78 31.33 -40.41
C ASP A 269 -8.33 32.77 -40.19
N TYR A 270 -7.71 33.04 -39.04
CA TYR A 270 -7.26 34.40 -38.75
C TYR A 270 -6.27 34.89 -39.82
N VAL A 271 -5.30 34.03 -40.16
CA VAL A 271 -4.29 34.36 -41.16
C VAL A 271 -4.94 34.62 -42.52
N ASP A 272 -5.80 33.71 -42.94
CA ASP A 272 -6.48 33.80 -44.24
C ASP A 272 -7.38 35.03 -44.34
N GLU A 273 -8.09 35.36 -43.27
CA GLU A 273 -8.92 36.57 -43.24
C GLU A 273 -8.09 37.86 -43.34
N LYS A 274 -6.96 37.92 -42.61
CA LYS A 274 -6.10 39.11 -42.68
C LYS A 274 -5.46 39.27 -44.06
N ILE A 275 -5.06 38.15 -44.67
CA ILE A 275 -4.51 38.15 -46.01
C ILE A 275 -5.56 38.64 -47.00
N ALA A 276 -6.79 38.12 -46.91
CA ALA A 276 -7.87 38.52 -47.82
C ALA A 276 -8.26 40.01 -47.65
N GLU A 277 -8.22 40.50 -46.42
CA GLU A 277 -8.53 41.91 -46.14
C GLU A 277 -7.50 42.85 -46.80
N LEU A 278 -6.22 42.50 -46.67
CA LEU A 278 -5.17 43.30 -47.29
C LEU A 278 -5.26 43.25 -48.82
N LYS A 279 -5.46 42.05 -49.36
CA LYS A 279 -5.62 41.85 -50.79
C LYS A 279 -6.73 42.74 -51.37
N LYS A 280 -7.90 42.70 -50.74
CA LYS A 280 -9.03 43.51 -51.20
C LYS A 280 -8.71 45.01 -51.20
N LEU A 281 -8.18 45.49 -50.08
CA LEU A 281 -7.80 46.88 -49.91
C LEU A 281 -6.79 47.32 -50.99
N ILE A 282 -5.78 46.49 -51.23
CA ILE A 282 -4.75 46.81 -52.23
C ILE A 282 -5.29 46.76 -53.66
N LEU A 283 -6.07 45.74 -54.01
CA LEU A 283 -6.69 45.67 -55.34
C LEU A 283 -7.57 46.87 -55.65
N LYS A 284 -8.24 47.40 -54.63
CA LYS A 284 -9.07 48.59 -54.77
C LYS A 284 -8.22 49.83 -55.09
N LYS A 285 -7.14 50.02 -54.36
CA LYS A 285 -6.21 51.12 -54.64
C LYS A 285 -5.54 51.00 -56.01
N LEU A 286 -5.16 49.79 -56.37
CA LEU A 286 -4.57 49.49 -57.66
C LEU A 286 -5.52 49.82 -58.82
N GLU A 287 -6.78 49.42 -58.69
CA GLU A 287 -7.82 49.69 -59.69
C GLU A 287 -8.11 51.18 -59.91
N HIS A 288 -7.98 52.00 -58.87
CA HIS A 288 -8.44 53.39 -58.86
C HIS A 288 -7.35 54.50 -58.89
N HIS A 289 -6.06 54.15 -58.83
CA HIS A 289 -4.98 55.16 -58.87
C HIS A 289 -4.85 55.80 -60.27
N HIS A 290 -4.44 57.08 -60.30
CA HIS A 290 -4.24 57.87 -61.53
C HIS A 290 -2.86 58.53 -61.61
N HIS A 291 -2.33 58.68 -62.83
CA HIS A 291 -1.10 59.43 -63.12
C HIS A 291 -1.39 60.61 -64.04
N ASN B 21 4.89 -53.09 70.33
CA ASN B 21 5.57 -51.78 70.33
C ASN B 21 4.70 -50.66 69.75
N SER B 22 5.08 -49.39 70.02
CA SER B 22 4.54 -48.21 69.36
C SER B 22 5.37 -47.72 68.15
N LYS B 23 6.04 -48.62 67.43
CA LYS B 23 6.33 -48.52 66.01
C LYS B 23 5.08 -48.43 65.14
N ILE B 24 3.95 -49.00 65.58
CA ILE B 24 2.65 -48.83 64.92
C ILE B 24 2.14 -47.37 64.90
N THR B 25 2.33 -46.61 65.97
CA THR B 25 2.07 -45.16 65.98
C THR B 25 2.95 -44.37 65.01
N LYS B 26 4.19 -44.80 64.86
CA LYS B 26 5.15 -44.21 63.91
C LYS B 26 4.76 -44.45 62.44
N LEU B 27 4.27 -45.65 62.15
CA LEU B 27 3.67 -45.95 60.84
C LEU B 27 2.40 -45.12 60.60
N GLU B 28 1.59 -44.95 61.62
CA GLU B 28 0.37 -44.11 61.55
C GLU B 28 0.68 -42.64 61.22
N SER B 29 1.82 -42.14 61.68
CA SER B 29 2.27 -40.77 61.43
C SER B 29 3.07 -40.63 60.13
N SER B 30 4.07 -41.49 59.92
CA SER B 30 4.99 -41.38 58.78
C SER B 30 4.36 -41.71 57.41
N LYS B 31 3.39 -42.61 57.36
CA LYS B 31 2.82 -43.07 56.09
C LYS B 31 1.56 -42.31 55.66
N ALA B 32 1.35 -42.24 54.35
CA ALA B 32 0.27 -41.44 53.77
C ALA B 32 -1.02 -42.25 53.68
N ASP B 33 -2.12 -41.61 54.08
CA ASP B 33 -3.45 -42.19 53.92
C ASP B 33 -3.88 -42.21 52.46
N LYS B 34 -4.61 -43.26 52.07
CA LYS B 34 -5.11 -43.40 50.70
C LYS B 34 -6.13 -42.32 50.34
N SER B 35 -6.94 -41.93 51.33
CA SER B 35 -7.91 -40.86 51.18
C SER B 35 -7.28 -39.48 50.88
N ALA B 36 -6.07 -39.23 51.39
CA ALA B 36 -5.43 -37.92 51.29
C ALA B 36 -4.39 -37.81 50.15
N VAL B 37 -4.30 -38.80 49.28
CA VAL B 37 -3.35 -38.76 48.16
C VAL B 37 -4.01 -39.29 46.89
N TYR B 38 -3.64 -38.69 45.76
CA TYR B 38 -4.11 -39.12 44.44
C TYR B 38 -3.37 -40.36 44.01
N SER B 39 -4.10 -41.31 43.45
CA SER B 39 -3.47 -42.45 42.76
C SER B 39 -2.80 -41.98 41.49
N LYS B 40 -1.97 -42.85 40.90
CA LYS B 40 -1.37 -42.61 39.59
C LYS B 40 -2.41 -42.41 38.49
N ALA B 41 -3.51 -43.16 38.56
CA ALA B 41 -4.61 -43.03 37.60
C ALA B 41 -5.29 -41.68 37.69
N GLU B 42 -5.53 -41.21 38.91
CA GLU B 42 -6.13 -39.89 39.15
C GLU B 42 -5.17 -38.74 38.76
N SER B 43 -3.88 -38.96 38.97
CA SER B 43 -2.86 -37.99 38.58
C SER B 43 -2.81 -37.82 37.06
N LYS B 44 -2.87 -38.93 36.34
CA LYS B 44 -2.87 -38.91 34.88
C LYS B 44 -4.08 -38.18 34.33
N ILE B 45 -5.27 -38.45 34.86
CA ILE B 45 -6.50 -37.71 34.49
C ILE B 45 -6.29 -36.19 34.60
N GLU B 46 -5.70 -35.76 35.71
CA GLU B 46 -5.48 -34.34 35.96
C GLU B 46 -4.37 -33.75 35.07
N LEU B 47 -3.26 -34.49 34.91
CA LEU B 47 -2.18 -34.07 34.00
C LEU B 47 -2.58 -34.00 32.53
N ASP B 48 -3.45 -34.91 32.09
CA ASP B 48 -3.94 -34.95 30.71
C ASP B 48 -4.79 -33.73 30.33
N LYS B 49 -5.34 -33.03 31.33
CA LYS B 49 -6.01 -31.76 31.11
C LYS B 49 -5.08 -30.56 30.94
N LYS B 50 -3.77 -30.74 31.14
CA LYS B 50 -2.79 -29.66 31.05
C LYS B 50 -1.95 -29.78 29.79
N LEU B 51 -1.54 -28.62 29.26
CA LEU B 51 -0.79 -28.57 28.00
C LEU B 51 0.64 -29.07 28.19
N SER B 52 1.00 -30.05 27.38
CA SER B 52 2.39 -30.51 27.29
C SER B 52 3.23 -29.54 26.45
N LEU B 53 4.46 -29.35 26.86
CA LEU B 53 5.42 -28.55 26.10
C LEU B 53 5.71 -29.14 24.71
N THR B 54 5.54 -30.46 24.55
CA THR B 54 5.66 -31.08 23.22
C THR B 54 4.47 -30.84 22.28
N GLY B 55 3.41 -30.20 22.76
CA GLY B 55 2.30 -29.82 21.89
C GLY B 55 0.95 -30.31 22.37
N GLY B 56 -0.09 -29.71 21.83
CA GLY B 56 -1.45 -30.09 22.19
C GLY B 56 -2.47 -29.15 21.59
N ILE B 57 -3.73 -29.41 21.94
CA ILE B 57 -4.88 -28.71 21.40
C ILE B 57 -5.55 -27.94 22.52
N VAL B 58 -5.48 -26.61 22.44
CA VAL B 58 -6.20 -25.73 23.35
C VAL B 58 -7.59 -25.42 22.79
N THR B 59 -8.62 -25.59 23.61
CA THR B 59 -10.01 -25.45 23.18
C THR B 59 -10.71 -24.24 23.80
N GLY B 60 -10.05 -23.53 24.71
CA GLY B 60 -10.57 -22.26 25.25
C GLY B 60 -9.67 -21.08 24.92
N GLN B 61 -9.93 -19.96 25.60
CA GLN B 61 -9.16 -18.75 25.37
C GLN B 61 -7.84 -18.81 26.13
N LEU B 62 -6.75 -18.51 25.45
CA LEU B 62 -5.46 -18.35 26.11
C LEU B 62 -5.20 -16.85 26.19
N GLN B 63 -5.17 -16.35 27.41
CA GLN B 63 -4.98 -14.92 27.66
C GLN B 63 -3.54 -14.69 28.12
N PHE B 64 -2.92 -13.67 27.56
CA PHE B 64 -1.61 -13.21 28.02
C PHE B 64 -1.81 -11.88 28.70
N LYS B 65 -1.39 -11.80 29.96
CA LYS B 65 -1.46 -10.59 30.75
C LYS B 65 -0.15 -10.41 31.49
N PRO B 66 0.91 -10.08 30.75
CA PRO B 66 2.19 -9.85 31.41
C PRO B 66 2.12 -8.59 32.27
N ASN B 67 2.83 -8.61 33.38
CA ASN B 67 2.80 -7.52 34.36
C ASN B 67 4.04 -7.66 35.21
N LYS B 68 4.99 -6.73 35.04
CA LYS B 68 6.33 -6.87 35.63
C LYS B 68 6.89 -8.27 35.38
N SER B 69 6.84 -8.71 34.13
CA SER B 69 7.23 -10.07 33.73
C SER B 69 8.48 -10.14 32.86
N GLY B 70 9.20 -9.02 32.73
CA GLY B 70 10.42 -8.94 31.92
C GLY B 70 10.24 -9.08 30.41
N ILE B 71 9.07 -8.71 29.89
CA ILE B 71 8.78 -8.82 28.46
C ILE B 71 9.56 -7.74 27.73
N LYS B 72 10.22 -8.12 26.63
CA LYS B 72 11.10 -7.23 25.90
C LYS B 72 10.53 -6.83 24.55
N PRO B 73 10.99 -5.68 24.01
CA PRO B 73 10.63 -5.28 22.65
C PRO B 73 11.51 -5.91 21.55
N SER B 74 12.59 -6.59 21.91
CA SER B 74 13.54 -7.14 20.94
C SER B 74 12.86 -7.87 19.78
N SER B 75 13.25 -7.51 18.56
CA SER B 75 12.75 -8.15 17.36
C SER B 75 13.32 -9.55 17.10
N SER B 76 14.22 -10.05 17.97
CA SER B 76 14.67 -11.44 17.93
C SER B 76 14.12 -12.29 19.07
N VAL B 77 14.21 -11.79 20.31
CA VAL B 77 13.90 -12.59 21.52
C VAL B 77 12.75 -12.05 22.38
N GLY B 78 12.14 -10.96 21.97
CA GLY B 78 11.11 -10.29 22.74
C GLY B 78 9.73 -10.89 22.51
N GLY B 79 8.73 -10.18 23.04
CA GLY B 79 7.34 -10.56 22.90
C GLY B 79 6.83 -11.38 24.08
N ALA B 80 5.56 -11.20 24.40
CA ALA B 80 4.87 -12.10 25.33
C ALA B 80 4.78 -13.49 24.70
N ILE B 81 4.60 -13.54 23.38
CA ILE B 81 4.87 -14.75 22.60
C ILE B 81 6.06 -14.48 21.71
N ASN B 82 7.00 -15.40 21.70
CA ASN B 82 8.15 -15.39 20.78
C ASN B 82 8.15 -16.68 20.01
N ILE B 83 8.14 -16.61 18.68
CA ILE B 83 8.31 -17.79 17.85
C ILE B 83 9.59 -17.61 17.06
N ASP B 84 10.55 -18.53 17.29
CA ASP B 84 11.84 -18.56 16.60
C ASP B 84 11.85 -19.75 15.67
N MET B 85 11.85 -19.50 14.36
CA MET B 85 11.83 -20.58 13.38
C MET B 85 13.21 -20.97 12.85
N SER B 86 14.29 -20.46 13.48
CA SER B 86 15.64 -20.63 12.94
C SER B 86 16.07 -22.10 12.77
N LYS B 87 15.55 -23.00 13.60
CA LYS B 87 15.95 -24.42 13.57
C LYS B 87 14.85 -25.35 13.12
N SER B 88 13.90 -24.85 12.34
CA SER B 88 12.72 -25.62 11.97
C SER B 88 12.18 -25.22 10.61
N GLU B 89 11.61 -26.18 9.92
CA GLU B 89 10.84 -25.90 8.72
C GLU B 89 9.48 -25.33 9.14
N GLY B 90 8.72 -24.86 8.16
CA GLY B 90 7.34 -24.47 8.37
C GLY B 90 7.15 -23.01 8.71
N ALA B 91 5.88 -22.65 8.84
CA ALA B 91 5.44 -21.31 9.25
C ALA B 91 5.54 -21.18 10.74
N ALA B 92 5.74 -19.96 11.20
CA ALA B 92 5.64 -19.66 12.62
C ALA B 92 4.20 -19.74 13.10
N MET B 93 3.30 -19.07 12.41
CA MET B 93 1.90 -19.04 12.79
C MET B 93 0.96 -19.02 11.61
N VAL B 94 -0.10 -19.81 11.74
CA VAL B 94 -1.13 -19.91 10.75
C VAL B 94 -2.50 -19.68 11.41
N MET B 95 -3.26 -18.74 10.85
CA MET B 95 -4.63 -18.48 11.27
C MET B 95 -5.50 -18.77 10.08
N TYR B 96 -6.43 -19.72 10.27
CA TYR B 96 -7.19 -20.31 9.19
C TYR B 96 -8.66 -20.29 9.56
N THR B 97 -9.53 -20.03 8.60
CA THR B 97 -10.95 -20.21 8.81
C THR B 97 -11.63 -20.65 7.52
N ASN B 98 -12.55 -21.59 7.68
CA ASN B 98 -13.45 -22.04 6.64
C ASN B 98 -14.90 -21.69 7.01
N LYS B 99 -15.07 -20.77 7.95
CA LYS B 99 -16.39 -20.34 8.37
C LYS B 99 -17.07 -19.57 7.24
N ASP B 100 -18.38 -19.81 7.08
CA ASP B 100 -19.18 -19.14 6.07
C ASP B 100 -19.30 -17.65 6.33
N THR B 101 -19.49 -17.30 7.60
CA THR B 101 -19.71 -15.93 8.08
C THR B 101 -19.17 -15.89 9.51
N THR B 102 -18.85 -14.72 10.03
CA THR B 102 -18.51 -14.61 11.44
C THR B 102 -18.62 -13.17 11.93
N ASP B 103 -18.33 -12.95 13.20
CA ASP B 103 -18.62 -11.67 13.85
C ASP B 103 -17.41 -10.77 14.03
N GLY B 104 -16.21 -11.22 13.65
CA GLY B 104 -15.06 -10.32 13.60
C GLY B 104 -13.89 -10.86 12.80
N PRO B 105 -12.91 -10.00 12.53
CA PRO B 105 -11.75 -10.39 11.72
C PRO B 105 -10.85 -11.42 12.38
N LEU B 106 -10.06 -12.13 11.58
CA LEU B 106 -9.18 -13.16 12.10
C LEU B 106 -8.15 -12.62 13.09
N MET B 107 -7.46 -11.56 12.70
CA MET B 107 -6.44 -10.95 13.53
C MET B 107 -6.71 -9.47 13.72
N ILE B 108 -6.59 -9.01 14.95
CA ILE B 108 -6.77 -7.63 15.32
C ILE B 108 -5.57 -7.13 16.11
N LEU B 109 -5.06 -5.98 15.68
CA LEU B 109 -4.08 -5.21 16.47
C LEU B 109 -4.73 -3.88 16.81
N ARG B 110 -4.75 -3.54 18.10
CA ARG B 110 -5.39 -2.32 18.55
C ARG B 110 -4.58 -1.59 19.62
N SER B 111 -4.42 -0.28 19.38
CA SER B 111 -3.82 0.62 20.35
C SER B 111 -4.82 1.76 20.60
N ASP B 112 -5.05 2.09 21.87
CA ASP B 112 -6.08 3.06 22.27
C ASP B 112 -5.61 4.46 22.61
N LYS B 113 -4.37 4.63 23.08
CA LYS B 113 -3.92 5.96 23.55
C LYS B 113 -3.28 6.76 22.43
N ASP B 114 -3.67 8.02 22.27
CA ASP B 114 -3.12 8.81 21.17
C ASP B 114 -1.66 9.20 21.39
N THR B 115 -1.14 9.02 22.60
CA THR B 115 0.27 9.19 22.91
C THR B 115 1.13 7.95 22.59
N PHE B 116 0.50 6.82 22.25
CA PHE B 116 1.24 5.57 21.99
C PHE B 116 2.30 5.83 20.93
N ASP B 117 3.53 5.46 21.23
CA ASP B 117 4.69 5.93 20.47
C ASP B 117 5.42 4.80 19.73
N GLN B 118 4.71 3.70 19.48
CA GLN B 118 5.25 2.59 18.71
C GLN B 118 4.22 2.17 17.68
N SER B 119 4.65 1.41 16.68
CA SER B 119 3.76 0.85 15.68
C SER B 119 2.91 -0.27 16.22
N ALA B 120 1.77 -0.52 15.59
CA ALA B 120 1.04 -1.77 15.84
C ALA B 120 1.79 -2.96 15.23
N GLN B 121 2.35 -2.77 14.04
CA GLN B 121 3.07 -3.85 13.34
C GLN B 121 4.31 -3.32 12.67
N PHE B 122 5.40 -4.05 12.85
CA PHE B 122 6.69 -3.77 12.23
C PHE B 122 7.19 -5.05 11.56
N VAL B 123 7.48 -4.96 10.27
CA VAL B 123 8.05 -6.04 9.50
C VAL B 123 9.48 -5.65 9.09
N ASP B 124 10.44 -6.42 9.58
CA ASP B 124 11.85 -6.18 9.35
C ASP B 124 12.36 -7.33 8.48
N TYR B 125 12.32 -7.13 7.18
CA TYR B 125 12.47 -8.23 6.23
C TYR B 125 13.78 -8.16 5.45
N SER B 126 14.55 -9.24 5.57
CA SER B 126 15.59 -9.56 4.59
C SER B 126 15.17 -10.83 3.87
N GLY B 127 15.46 -10.86 2.57
CA GLY B 127 15.09 -12.00 1.73
C GLY B 127 14.97 -11.61 0.28
N LYS B 128 14.56 -12.58 -0.53
CA LYS B 128 14.51 -12.46 -2.01
C LYS B 128 13.11 -12.65 -2.54
N THR B 129 12.10 -12.69 -1.69
CA THR B 129 10.71 -12.59 -2.18
C THR B 129 9.99 -11.44 -1.49
N ASN B 130 8.68 -11.34 -1.70
CA ASN B 130 7.94 -10.16 -1.24
C ASN B 130 7.75 -10.28 0.29
N ALA B 131 8.07 -9.22 1.02
CA ALA B 131 8.02 -9.26 2.50
C ALA B 131 6.60 -9.52 3.01
N VAL B 132 5.65 -8.79 2.44
CA VAL B 132 4.24 -8.96 2.76
C VAL B 132 3.50 -9.13 1.45
N ASN B 133 2.66 -10.16 1.40
CA ASN B 133 1.99 -10.55 0.18
C ASN B 133 0.52 -10.75 0.52
N ILE B 134 -0.34 -9.93 -0.09
CA ILE B 134 -1.79 -9.96 0.21
C ILE B 134 -2.50 -10.30 -1.07
N VAL B 135 -3.26 -11.39 -1.02
CA VAL B 135 -3.97 -11.90 -2.19
C VAL B 135 -5.48 -11.95 -1.92
N MET B 136 -6.26 -11.32 -2.78
CA MET B 136 -7.71 -11.50 -2.81
C MET B 136 -8.03 -12.46 -3.95
N ARG B 137 -8.51 -13.64 -3.59
CA ARG B 137 -8.88 -14.67 -4.57
C ARG B 137 -10.10 -14.26 -5.37
N GLN B 138 -10.31 -14.93 -6.49
CA GLN B 138 -11.46 -14.68 -7.33
C GLN B 138 -12.75 -15.05 -6.58
N PRO B 139 -13.64 -14.07 -6.34
CA PRO B 139 -14.91 -14.40 -5.68
C PRO B 139 -15.87 -15.06 -6.69
N SER B 140 -16.89 -15.75 -6.16
CA SER B 140 -17.96 -16.35 -6.97
C SER B 140 -18.73 -15.33 -7.79
N ALA B 141 -18.98 -14.14 -7.22
CA ALA B 141 -19.51 -13.01 -7.93
C ALA B 141 -18.68 -11.77 -7.60
N PRO B 142 -18.45 -10.87 -8.59
CA PRO B 142 -17.80 -9.60 -8.30
C PRO B 142 -18.55 -8.78 -7.23
N ASN B 143 -17.81 -8.07 -6.40
CA ASN B 143 -18.38 -7.28 -5.31
C ASN B 143 -17.36 -6.18 -5.00
N PHE B 144 -17.78 -5.10 -4.34
CA PHE B 144 -16.86 -4.03 -4.02
C PHE B 144 -16.12 -4.36 -2.74
N SER B 145 -14.95 -4.99 -2.89
CA SER B 145 -14.05 -5.28 -1.78
C SER B 145 -12.62 -5.27 -2.31
N SER B 146 -11.68 -5.00 -1.41
CA SER B 146 -10.29 -4.77 -1.78
C SER B 146 -9.36 -5.71 -1.06
N ALA B 147 -8.17 -5.90 -1.62
CA ALA B 147 -7.12 -6.63 -0.89
C ALA B 147 -6.62 -5.83 0.30
N LEU B 148 -6.51 -4.50 0.13
CA LEU B 148 -6.00 -3.62 1.16
C LEU B 148 -6.77 -2.32 1.18
N ASN B 149 -7.20 -1.92 2.38
CA ASN B 149 -7.91 -0.67 2.63
C ASN B 149 -7.17 0.08 3.71
N ILE B 150 -6.82 1.32 3.41
CA ILE B 150 -6.08 2.21 4.27
C ILE B 150 -6.92 3.47 4.50
N THR B 151 -7.08 3.87 5.75
CA THR B 151 -7.80 5.09 6.11
C THR B 151 -7.07 5.81 7.25
N SER B 152 -6.91 7.11 7.09
CA SER B 152 -6.40 7.95 8.16
C SER B 152 -7.30 9.15 8.40
N ALA B 153 -7.50 9.48 9.67
CA ALA B 153 -8.13 10.73 10.08
C ALA B 153 -7.11 11.71 10.73
N ASN B 154 -5.82 11.52 10.46
CA ASN B 154 -4.77 12.40 10.92
C ASN B 154 -4.42 13.40 9.80
N GLU B 155 -4.81 14.65 9.99
CA GLU B 155 -4.53 15.69 8.97
C GLU B 155 -3.08 16.13 8.89
N GLY B 156 -2.27 15.76 9.90
CA GLY B 156 -0.86 16.15 9.93
C GLY B 156 0.08 15.24 9.15
N GLY B 157 -0.42 14.13 8.62
CA GLY B 157 0.44 13.14 7.96
C GLY B 157 -0.23 12.44 6.79
N SER B 158 0.59 12.07 5.81
CA SER B 158 0.16 11.24 4.71
C SER B 158 -0.39 9.91 5.23
N ALA B 159 -1.56 9.52 4.75
CA ALA B 159 -2.14 8.21 5.09
C ALA B 159 -1.16 7.07 4.78
N MET B 160 -0.44 7.22 3.68
CA MET B 160 0.55 6.25 3.27
C MET B 160 1.80 6.88 2.68
N GLN B 161 2.92 6.29 3.04
CA GLN B 161 4.23 6.66 2.55
C GLN B 161 4.93 5.44 1.94
N ILE B 162 5.54 5.66 0.78
CA ILE B 162 6.39 4.68 0.13
C ILE B 162 7.72 5.31 -0.26
N ARG B 163 8.82 4.63 0.05
CA ARG B 163 10.15 5.00 -0.43
C ARG B 163 10.88 3.79 -0.98
N GLY B 164 11.46 3.96 -2.16
CA GLY B 164 12.28 2.93 -2.79
C GLY B 164 13.53 3.52 -3.45
N VAL B 165 14.43 2.64 -3.88
CA VAL B 165 15.73 3.01 -4.44
C VAL B 165 16.01 2.30 -5.77
N GLU B 166 14.99 2.23 -6.61
CA GLU B 166 15.06 1.42 -7.82
C GLU B 166 16.07 1.99 -8.83
N LYS B 167 16.85 1.12 -9.44
CA LYS B 167 17.71 1.52 -10.55
C LYS B 167 16.89 1.81 -11.81
N ALA B 168 16.00 0.89 -12.16
CA ALA B 168 15.33 0.95 -13.46
C ALA B 168 13.87 0.48 -13.41
N LEU B 169 13.19 0.82 -12.33
CA LEU B 169 11.79 0.46 -12.13
C LEU B 169 11.08 1.56 -11.35
N GLY B 170 9.76 1.45 -11.25
CA GLY B 170 8.97 2.34 -10.43
C GLY B 170 9.02 1.97 -8.96
N THR B 171 9.07 2.97 -8.08
CA THR B 171 8.94 2.71 -6.65
C THR B 171 7.63 2.05 -6.31
N LEU B 172 6.56 2.53 -6.93
CA LEU B 172 5.27 1.86 -6.91
C LEU B 172 4.95 1.42 -8.32
N LYS B 173 4.66 0.14 -8.48
CA LYS B 173 4.24 -0.43 -9.75
C LYS B 173 2.79 -0.88 -9.65
N ILE B 174 1.95 -0.32 -10.51
CA ILE B 174 0.54 -0.68 -10.59
C ILE B 174 0.25 -1.28 -11.95
N THR B 175 -0.31 -2.49 -11.94
CA THR B 175 -0.80 -3.10 -13.16
C THR B 175 -2.31 -3.36 -13.12
N HIS B 176 -3.01 -2.83 -14.11
CA HIS B 176 -4.38 -3.22 -14.38
C HIS B 176 -4.39 -4.27 -15.50
N GLU B 177 -5.03 -5.39 -15.24
CA GLU B 177 -5.21 -6.47 -16.19
C GLU B 177 -6.71 -6.60 -16.53
N ASN B 178 -7.05 -6.69 -17.82
CA ASN B 178 -8.43 -6.85 -18.25
C ASN B 178 -8.94 -8.15 -17.63
N PRO B 179 -10.04 -8.12 -16.86
CA PRO B 179 -10.59 -9.38 -16.35
C PRO B 179 -11.20 -10.29 -17.41
N ASN B 180 -11.46 -9.77 -18.61
CA ASN B 180 -12.21 -10.46 -19.66
C ASN B 180 -11.39 -10.55 -20.92
N VAL B 181 -11.67 -11.56 -21.75
CA VAL B 181 -11.00 -11.69 -23.05
C VAL B 181 -11.35 -10.56 -24.04
N GLU B 182 -12.56 -10.01 -23.95
CA GLU B 182 -13.01 -8.97 -24.88
C GLU B 182 -12.34 -7.61 -24.56
N ALA B 183 -11.82 -6.98 -25.61
CA ALA B 183 -10.93 -5.84 -25.50
C ALA B 183 -11.57 -4.57 -24.94
N LYS B 184 -12.85 -4.35 -25.22
CA LYS B 184 -13.57 -3.18 -24.69
C LYS B 184 -14.23 -3.36 -23.32
N TYR B 185 -14.18 -4.55 -22.75
CA TYR B 185 -14.87 -4.82 -21.48
C TYR B 185 -14.45 -3.87 -20.36
N ASP B 186 -13.16 -3.54 -20.30
CA ASP B 186 -12.60 -2.73 -19.19
C ASP B 186 -12.45 -1.25 -19.53
N GLU B 187 -13.26 -0.77 -20.45
CA GLU B 187 -13.13 0.59 -20.95
C GLU B 187 -13.34 1.69 -19.90
N ASN B 188 -14.09 1.40 -18.84
CA ASN B 188 -14.24 2.35 -17.73
C ASN B 188 -13.19 2.20 -16.62
N ALA B 189 -12.30 1.21 -16.71
CA ALA B 189 -11.32 0.94 -15.66
C ALA B 189 -10.09 1.83 -15.81
N ALA B 190 -9.30 1.87 -14.74
CA ALA B 190 -8.02 2.56 -14.73
C ALA B 190 -7.02 1.85 -13.84
N ALA B 191 -5.74 2.11 -14.04
CA ALA B 191 -4.73 1.63 -13.09
C ALA B 191 -4.81 2.45 -11.77
N LEU B 192 -4.91 3.77 -11.92
CA LEU B 192 -4.95 4.68 -10.78
C LEU B 192 -6.20 5.55 -10.90
N SER B 193 -7.01 5.56 -9.85
CA SER B 193 -8.20 6.41 -9.78
C SER B 193 -8.08 7.35 -8.56
N ILE B 194 -8.20 8.64 -8.82
CA ILE B 194 -8.06 9.67 -7.78
C ILE B 194 -9.39 10.42 -7.65
N ASP B 195 -9.85 10.60 -6.40
CA ASP B 195 -10.94 11.51 -6.10
C ASP B 195 -10.53 12.53 -5.04
N ILE B 196 -11.12 13.71 -5.16
CA ILE B 196 -10.81 14.87 -4.35
C ILE B 196 -12.16 15.38 -3.84
N VAL B 197 -12.42 15.23 -2.55
CA VAL B 197 -13.74 15.52 -2.02
C VAL B 197 -13.71 16.48 -0.84
N LYS B 198 -14.84 17.13 -0.65
CA LYS B 198 -15.07 17.99 0.50
C LYS B 198 -15.29 17.12 1.73
N LYS B 199 -15.16 17.73 2.90
CA LYS B 199 -15.49 17.07 4.15
C LYS B 199 -16.91 16.52 4.10
N GLN B 200 -17.09 15.25 4.49
CA GLN B 200 -18.38 14.59 4.40
C GLN B 200 -19.45 15.28 5.26
N LYS B 201 -19.08 15.68 6.47
CA LYS B 201 -20.00 16.36 7.39
C LYS B 201 -19.82 17.86 7.31
N GLY B 202 -20.64 18.50 6.47
CA GLY B 202 -20.74 19.95 6.40
C GLY B 202 -19.69 20.67 5.58
N GLY B 203 -18.98 19.95 4.72
CA GLY B 203 -17.89 20.57 3.98
C GLY B 203 -18.42 21.58 3.00
N LYS B 204 -17.76 22.74 2.90
CA LYS B 204 -18.14 23.77 1.93
C LYS B 204 -17.39 23.67 0.59
N GLY B 205 -16.42 22.78 0.51
CA GLY B 205 -15.66 22.55 -0.72
C GLY B 205 -14.25 22.06 -0.44
N THR B 206 -13.40 22.15 -1.45
CA THR B 206 -12.00 21.77 -1.33
C THR B 206 -11.17 22.48 -2.36
N ALA B 207 -9.90 22.72 -2.01
CA ALA B 207 -8.91 23.23 -2.95
C ALA B 207 -7.75 22.27 -3.15
N ALA B 208 -7.91 21.01 -2.71
CA ALA B 208 -6.85 20.01 -2.82
C ALA B 208 -6.51 19.68 -4.29
N GLN B 209 -5.26 19.31 -4.51
CA GLN B 209 -4.74 18.99 -5.83
C GLN B 209 -4.84 17.50 -6.13
N GLY B 210 -4.85 17.13 -7.41
CA GLY B 210 -4.90 15.71 -7.78
C GLY B 210 -3.55 15.05 -7.58
N ILE B 211 -2.63 15.34 -8.49
CA ILE B 211 -1.27 14.82 -8.45
C ILE B 211 -0.29 15.97 -8.36
N TYR B 212 0.62 15.88 -7.41
CA TYR B 212 1.71 16.83 -7.19
C TYR B 212 3.02 16.08 -7.37
N ILE B 213 3.82 16.48 -8.36
CA ILE B 213 5.11 15.88 -8.65
C ILE B 213 6.18 16.93 -8.42
N ASN B 214 7.22 16.57 -7.68
CA ASN B 214 8.37 17.45 -7.42
C ASN B 214 9.66 16.63 -7.46
N SER B 215 10.77 17.33 -7.64
CA SER B 215 12.07 16.80 -7.29
C SER B 215 12.75 17.85 -6.42
N THR B 216 12.77 17.63 -5.12
CA THR B 216 13.36 18.60 -4.21
C THR B 216 14.83 18.82 -4.52
N SER B 217 15.58 17.76 -4.83
CA SER B 217 16.98 17.93 -5.23
C SER B 217 17.20 18.20 -6.72
N GLY B 218 16.20 17.98 -7.56
CA GLY B 218 16.27 18.29 -8.98
C GLY B 218 16.64 17.07 -9.81
N THR B 219 15.88 16.84 -10.88
CA THR B 219 16.11 15.65 -11.72
C THR B 219 16.29 16.05 -13.17
N ALA B 220 17.11 15.28 -13.87
CA ALA B 220 17.25 15.37 -15.32
C ALA B 220 16.20 14.54 -16.06
N GLY B 221 15.40 13.74 -15.34
CA GLY B 221 14.44 12.86 -15.99
C GLY B 221 13.17 13.56 -16.43
N LYS B 222 12.41 12.90 -17.29
CA LYS B 222 11.06 13.36 -17.62
C LYS B 222 10.16 13.24 -16.40
N MET B 223 9.31 14.24 -16.15
CA MET B 223 8.45 14.25 -14.98
C MET B 223 7.24 13.35 -15.21
N LEU B 224 6.78 13.31 -16.46
CA LEU B 224 5.67 12.44 -16.85
C LEU B 224 6.02 11.84 -18.19
N ARG B 225 5.95 10.53 -18.32
CA ARG B 225 6.27 9.86 -19.57
C ARG B 225 5.21 8.82 -19.85
N ILE B 226 4.52 9.02 -20.97
CA ILE B 226 3.38 8.20 -21.34
C ILE B 226 3.70 7.47 -22.64
N ARG B 227 3.53 6.15 -22.60
CA ARG B 227 3.75 5.27 -23.71
C ARG B 227 2.53 4.38 -23.92
N ASN B 228 2.43 3.82 -25.11
CA ASN B 228 1.41 2.85 -25.45
C ASN B 228 2.07 1.87 -26.41
N LYS B 229 1.99 0.58 -26.12
CA LYS B 229 2.83 -0.45 -26.78
C LYS B 229 4.30 -0.11 -26.77
N ASN B 230 4.80 0.41 -25.64
CA ASN B 230 6.21 0.76 -25.45
C ASN B 230 6.74 1.93 -26.26
N GLU B 231 5.87 2.63 -27.00
CA GLU B 231 6.26 3.76 -27.86
C GLU B 231 5.85 5.06 -27.18
N ASP B 232 6.79 6.00 -27.11
CA ASP B 232 6.50 7.33 -26.57
C ASP B 232 5.33 8.03 -27.30
N LYS B 233 4.34 8.46 -26.51
CA LYS B 233 3.17 9.17 -27.00
C LYS B 233 3.07 10.60 -26.49
N PHE B 234 3.40 10.83 -25.22
CA PHE B 234 3.28 12.13 -24.56
C PHE B 234 4.25 12.18 -23.41
N TYR B 235 4.94 13.30 -23.25
CA TYR B 235 5.78 13.47 -22.08
C TYR B 235 5.88 14.92 -21.66
N VAL B 236 6.20 15.12 -20.37
CA VAL B 236 6.56 16.42 -19.84
C VAL B 236 8.02 16.32 -19.37
N GLY B 237 8.89 17.17 -19.93
CA GLY B 237 10.31 17.12 -19.62
C GLY B 237 10.62 17.78 -18.28
N PRO B 238 11.89 17.68 -17.83
CA PRO B 238 12.33 18.28 -16.57
C PRO B 238 12.21 19.82 -16.51
N ASP B 239 12.20 20.46 -17.68
CA ASP B 239 11.99 21.89 -17.83
C ASP B 239 10.50 22.30 -17.94
N GLY B 240 9.59 21.34 -18.01
CA GLY B 240 8.17 21.62 -18.14
C GLY B 240 7.64 21.68 -19.56
N GLY B 241 8.53 21.60 -20.56
CA GLY B 241 8.11 21.50 -21.95
C GLY B 241 7.41 20.17 -22.16
N PHE B 242 6.40 20.13 -23.02
CA PHE B 242 5.71 18.89 -23.33
C PHE B 242 5.90 18.50 -24.79
N HIS B 243 5.81 17.20 -25.04
CA HIS B 243 5.71 16.67 -26.38
C HIS B 243 4.44 15.84 -26.47
N SER B 244 3.58 16.14 -27.44
CA SER B 244 2.38 15.34 -27.73
C SER B 244 2.54 14.69 -29.10
N GLY B 245 2.18 13.41 -29.21
CA GLY B 245 2.45 12.60 -30.39
C GLY B 245 1.39 12.58 -31.48
N ALA B 246 0.34 13.39 -31.33
CA ALA B 246 -0.73 13.42 -32.32
C ALA B 246 -1.56 14.69 -32.23
N ASN B 247 -2.47 14.83 -33.19
CA ASN B 247 -3.41 15.95 -33.25
C ASN B 247 -4.02 16.21 -31.90
N SER B 248 -4.08 17.47 -31.52
CA SER B 248 -4.50 17.91 -30.19
C SER B 248 -5.42 19.11 -30.28
N THR B 249 -6.09 19.42 -29.17
CA THR B 249 -7.06 20.50 -29.13
C THR B 249 -6.98 21.29 -27.82
N VAL B 250 -7.07 22.60 -27.93
CA VAL B 250 -7.32 23.49 -26.79
C VAL B 250 -8.67 24.15 -27.05
N ALA B 251 -9.64 23.92 -26.16
CA ALA B 251 -10.94 24.59 -26.22
C ALA B 251 -10.77 25.95 -25.55
N GLY B 252 -10.09 26.85 -26.25
CA GLY B 252 -9.67 28.13 -25.70
C GLY B 252 -8.49 28.65 -26.53
N ASN B 253 -7.94 29.78 -26.10
CA ASN B 253 -6.75 30.35 -26.71
C ASN B 253 -5.49 29.72 -26.15
N LEU B 254 -4.46 29.66 -26.98
CA LEU B 254 -3.13 29.25 -26.53
C LEU B 254 -2.20 30.43 -26.64
N THR B 255 -1.63 30.85 -25.51
CA THR B 255 -0.57 31.87 -25.47
C THR B 255 0.80 31.21 -25.71
N VAL B 256 1.57 31.75 -26.64
CA VAL B 256 2.91 31.27 -26.98
C VAL B 256 3.86 32.44 -27.23
N LYS B 257 5.14 32.14 -27.29
CA LYS B 257 6.15 33.10 -27.75
C LYS B 257 6.05 33.30 -29.27
N ASP B 258 6.50 34.47 -29.73
CA ASP B 258 6.60 34.77 -31.17
C ASP B 258 7.51 33.73 -31.84
N PRO B 259 7.12 33.25 -33.03
CA PRO B 259 7.91 32.22 -33.69
C PRO B 259 9.25 32.73 -34.20
N THR B 260 10.28 31.92 -34.06
CA THR B 260 11.59 32.16 -34.66
C THR B 260 12.04 30.99 -35.55
N SER B 261 11.17 30.03 -35.80
CA SER B 261 11.50 28.91 -36.65
C SER B 261 10.26 28.57 -37.45
N GLY B 262 10.46 27.89 -38.58
CA GLY B 262 9.41 27.63 -39.56
C GLY B 262 8.16 26.94 -39.05
N LYS B 263 8.33 25.93 -38.19
CA LYS B 263 7.20 25.19 -37.64
C LYS B 263 6.70 25.67 -36.27
N HIS B 264 7.24 26.78 -35.76
CA HIS B 264 6.70 27.41 -34.55
C HIS B 264 5.33 28.00 -34.86
N ALA B 265 4.39 27.83 -33.94
CA ALA B 265 3.09 28.49 -34.03
C ALA B 265 3.28 29.98 -34.12
N ALA B 266 2.54 30.61 -35.02
CA ALA B 266 2.57 32.06 -35.17
C ALA B 266 1.61 32.69 -34.17
N THR B 267 2.06 33.78 -33.55
CA THR B 267 1.23 34.62 -32.73
C THR B 267 0.43 35.61 -33.57
N LYS B 268 -0.62 36.16 -32.97
CA LYS B 268 -1.39 37.23 -33.58
C LYS B 268 -0.48 38.42 -33.93
N ASP B 269 0.43 38.78 -33.02
CA ASP B 269 1.42 39.82 -33.27
C ASP B 269 2.27 39.54 -34.50
N TYR B 270 2.78 38.31 -34.65
CA TYR B 270 3.60 38.00 -35.79
C TYR B 270 2.82 38.18 -37.09
N VAL B 271 1.58 37.68 -37.12
CA VAL B 271 0.72 37.78 -38.30
C VAL B 271 0.47 39.26 -38.64
N ASP B 272 0.06 40.03 -37.63
CA ASP B 272 -0.27 41.44 -37.82
C ASP B 272 0.93 42.28 -38.28
N GLU B 273 2.11 42.00 -37.71
CA GLU B 273 3.34 42.68 -38.14
C GLU B 273 3.73 42.35 -39.59
N LYS B 274 3.61 41.08 -39.98
CA LYS B 274 3.93 40.69 -41.36
C LYS B 274 2.95 41.31 -42.37
N ILE B 275 1.68 41.35 -41.99
CA ILE B 275 0.66 41.99 -42.82
C ILE B 275 0.97 43.50 -42.98
N ALA B 276 1.29 44.17 -41.87
CA ALA B 276 1.59 45.61 -41.90
C ALA B 276 2.88 45.91 -42.69
N GLU B 277 3.87 45.02 -42.61
CA GLU B 277 5.12 45.19 -43.36
C GLU B 277 4.88 45.10 -44.86
N LEU B 278 4.09 44.14 -45.30
CA LEU B 278 3.76 44.00 -46.72
C LEU B 278 2.94 45.21 -47.20
N LYS B 279 1.94 45.59 -46.42
CA LYS B 279 1.11 46.76 -46.73
C LYS B 279 1.96 48.02 -46.97
N LYS B 280 2.86 48.32 -46.04
CA LYS B 280 3.75 49.47 -46.15
C LYS B 280 4.61 49.42 -47.42
N LEU B 281 5.25 48.28 -47.64
CA LEU B 281 6.09 48.08 -48.83
C LEU B 281 5.30 48.29 -50.13
N ILE B 282 4.09 47.74 -50.20
CA ILE B 282 3.25 47.87 -51.39
C ILE B 282 2.76 49.30 -51.60
N LEU B 283 2.27 49.96 -50.54
CA LEU B 283 1.83 51.35 -50.64
C LEU B 283 2.95 52.29 -51.13
N LYS B 284 4.19 51.99 -50.73
CA LYS B 284 5.36 52.76 -51.17
C LYS B 284 5.60 52.59 -52.66
N LYS B 285 5.56 51.35 -53.15
CA LYS B 285 5.70 51.09 -54.59
C LYS B 285 4.58 51.71 -55.41
N LEU B 286 3.35 51.61 -54.90
CA LEU B 286 2.19 52.21 -55.53
C LEU B 286 2.32 53.74 -55.67
N GLU B 287 2.75 54.39 -54.59
CA GLU B 287 2.94 55.85 -54.56
C GLU B 287 4.01 56.36 -55.55
N HIS B 288 5.05 55.56 -55.81
CA HIS B 288 6.26 56.01 -56.50
C HIS B 288 6.49 55.47 -57.93
N HIS B 289 5.68 54.52 -58.41
CA HIS B 289 5.88 54.00 -59.78
C HIS B 289 5.43 55.02 -60.86
N HIS B 290 6.10 54.99 -62.01
CA HIS B 290 5.80 55.86 -63.18
C HIS B 290 5.69 55.02 -64.46
N HIS B 291 4.78 55.44 -65.36
CA HIS B 291 4.62 54.82 -66.68
C HIS B 291 3.69 55.63 -67.57
N THR C 20 5.51 -61.33 63.52
CA THR C 20 5.00 -59.91 63.51
C THR C 20 5.93 -58.91 62.87
N ASN C 21 7.22 -59.04 63.16
CA ASN C 21 8.26 -58.18 62.58
C ASN C 21 8.36 -58.32 61.06
N SER C 22 7.78 -59.37 60.50
CA SER C 22 7.73 -59.54 59.06
C SER C 22 6.64 -58.63 58.48
N LYS C 23 5.47 -58.68 59.09
CA LYS C 23 4.34 -57.88 58.67
C LYS C 23 4.66 -56.41 58.73
N ILE C 24 5.33 -56.00 59.81
CA ILE C 24 5.70 -54.60 59.99
C ILE C 24 6.71 -54.19 58.92
N THR C 25 7.82 -54.92 58.85
CA THR C 25 8.87 -54.64 57.85
C THR C 25 8.28 -54.46 56.44
N LYS C 26 7.24 -55.24 56.13
CA LYS C 26 6.54 -55.16 54.86
C LYS C 26 5.77 -53.87 54.67
N LEU C 27 5.30 -53.33 55.77
CA LEU C 27 4.59 -52.10 55.74
C LEU C 27 5.63 -51.03 55.50
N GLU C 28 6.71 -51.11 56.25
CA GLU C 28 7.81 -50.15 56.13
C GLU C 28 8.37 -50.02 54.70
N SER C 29 8.34 -51.11 53.95
CA SER C 29 8.80 -51.13 52.55
C SER C 29 7.70 -50.77 51.55
N SER C 30 6.54 -51.41 51.66
CA SER C 30 5.48 -51.30 50.65
C SER C 30 4.73 -49.96 50.65
N LYS C 31 4.63 -49.29 51.80
CA LYS C 31 3.79 -48.09 51.91
C LYS C 31 4.55 -46.78 51.71
N ALA C 32 3.83 -45.76 51.22
CA ALA C 32 4.42 -44.50 50.83
C ALA C 32 4.55 -43.56 52.02
N ASP C 33 5.72 -42.92 52.11
CA ASP C 33 5.98 -41.93 53.15
C ASP C 33 5.24 -40.64 52.82
N LYS C 34 4.80 -39.91 53.84
CA LYS C 34 4.18 -38.58 53.66
C LYS C 34 5.14 -37.54 53.08
N SER C 35 6.41 -37.63 53.49
CA SER C 35 7.46 -36.75 52.95
C SER C 35 7.72 -36.96 51.44
N ALA C 36 7.54 -38.18 50.94
CA ALA C 36 7.86 -38.55 49.56
C ALA C 36 6.66 -38.52 48.59
N VAL C 37 5.51 -38.01 49.01
CA VAL C 37 4.33 -37.95 48.14
C VAL C 37 3.59 -36.64 48.40
N TYR C 38 3.02 -36.06 47.33
CA TYR C 38 2.18 -34.87 47.44
C TYR C 38 0.81 -35.28 47.95
N SER C 39 0.25 -34.52 48.90
CA SER C 39 -1.17 -34.63 49.24
C SER C 39 -2.03 -34.12 48.10
N LYS C 40 -3.34 -34.37 48.15
CA LYS C 40 -4.29 -33.82 47.18
C LYS C 40 -4.30 -32.28 47.15
N ALA C 41 -4.13 -31.67 48.32
CA ALA C 41 -4.05 -30.21 48.45
C ALA C 41 -2.80 -29.66 47.75
N GLU C 42 -1.67 -30.33 47.97
CA GLU C 42 -0.42 -29.94 47.32
C GLU C 42 -0.41 -30.22 45.81
N SER C 43 -1.12 -31.26 45.39
CA SER C 43 -1.27 -31.59 43.97
C SER C 43 -2.04 -30.48 43.26
N LYS C 44 -3.14 -30.02 43.87
CA LYS C 44 -3.92 -28.94 43.30
C LYS C 44 -3.11 -27.64 43.15
N ILE C 45 -2.37 -27.27 44.19
CA ILE C 45 -1.46 -26.12 44.14
C ILE C 45 -0.51 -26.19 42.94
N GLU C 46 0.08 -27.37 42.72
CA GLU C 46 1.02 -27.58 41.61
C GLU C 46 0.34 -27.60 40.25
N LEU C 47 -0.80 -28.28 40.15
CA LEU C 47 -1.57 -28.30 38.90
C LEU C 47 -2.12 -26.93 38.49
N ASP C 48 -2.53 -26.12 39.48
CA ASP C 48 -3.04 -24.78 39.24
C ASP C 48 -2.00 -23.80 38.67
N LYS C 49 -0.71 -24.12 38.83
CA LYS C 49 0.36 -23.38 38.18
C LYS C 49 0.57 -23.73 36.69
N LYS C 50 -0.10 -24.76 36.20
CA LYS C 50 0.05 -25.22 34.81
C LYS C 50 -1.16 -24.87 33.98
N LEU C 51 -0.94 -24.63 32.69
CA LEU C 51 -1.99 -24.22 31.77
C LEU C 51 -2.93 -25.36 31.46
N SER C 52 -4.21 -25.14 31.71
CA SER C 52 -5.25 -26.07 31.29
C SER C 52 -5.55 -25.92 29.80
N LEU C 53 -5.80 -27.03 29.13
CA LEU C 53 -6.20 -27.03 27.74
C LEU C 53 -7.50 -26.26 27.48
N THR C 54 -8.36 -26.18 28.49
CA THR C 54 -9.60 -25.39 28.39
C THR C 54 -9.39 -23.87 28.52
N GLY C 55 -8.18 -23.43 28.83
CA GLY C 55 -7.87 -21.99 28.85
C GLY C 55 -7.24 -21.52 30.13
N GLY C 56 -6.65 -20.34 30.08
CA GLY C 56 -5.99 -19.76 31.24
C GLY C 56 -5.28 -18.46 30.89
N ILE C 57 -4.62 -17.90 31.91
CA ILE C 57 -3.91 -16.65 31.83
C ILE C 57 -2.42 -16.91 32.02
N VAL C 58 -1.66 -16.68 30.95
CA VAL C 58 -0.20 -16.74 30.99
C VAL C 58 0.34 -15.35 31.34
N THR C 59 1.24 -15.28 32.30
CA THR C 59 1.79 -14.02 32.82
C THR C 59 3.27 -13.84 32.49
N GLY C 60 3.91 -14.85 31.90
CA GLY C 60 5.30 -14.73 31.43
C GLY C 60 5.44 -14.93 29.94
N GLN C 61 6.67 -15.13 29.49
CA GLN C 61 6.94 -15.30 28.06
C GLN C 61 6.68 -16.76 27.67
N LEU C 62 5.92 -16.95 26.60
CA LEU C 62 5.76 -18.25 25.98
C LEU C 62 6.64 -18.27 24.74
N GLN C 63 7.66 -19.11 24.79
CA GLN C 63 8.62 -19.24 23.71
C GLN C 63 8.32 -20.47 22.89
N PHE C 64 8.33 -20.33 21.57
CA PHE C 64 8.25 -21.46 20.66
C PHE C 64 9.60 -21.65 20.01
N LYS C 65 10.12 -22.87 20.18
CA LYS C 65 11.43 -23.24 19.64
C LYS C 65 11.31 -24.61 19.03
N PRO C 66 10.59 -24.71 17.91
CA PRO C 66 10.48 -26.01 17.26
C PRO C 66 11.82 -26.42 16.67
N ASN C 67 12.09 -27.72 16.69
CA ASN C 67 13.38 -28.25 16.25
C ASN C 67 13.15 -29.73 15.97
N LYS C 68 13.18 -30.11 14.69
CA LYS C 68 12.77 -31.45 14.26
C LYS C 68 11.43 -31.83 14.90
N SER C 69 10.45 -30.94 14.78
CA SER C 69 9.16 -31.08 15.44
C SER C 69 7.97 -31.32 14.49
N GLY C 70 8.24 -31.56 13.20
CA GLY C 70 7.20 -31.76 12.18
C GLY C 70 6.35 -30.53 11.84
N ILE C 71 6.90 -29.33 12.00
CA ILE C 71 6.13 -28.10 11.74
C ILE C 71 6.02 -27.94 10.23
N LYS C 72 4.81 -27.60 9.77
CA LYS C 72 4.49 -27.55 8.36
C LYS C 72 4.24 -26.10 7.89
N PRO C 73 4.43 -25.86 6.58
CA PRO C 73 4.09 -24.57 5.99
C PRO C 73 2.60 -24.41 5.60
N SER C 74 1.82 -25.50 5.64
CA SER C 74 0.42 -25.49 5.17
C SER C 74 -0.36 -24.29 5.72
N SER C 75 -1.03 -23.59 4.83
CA SER C 75 -1.88 -22.44 5.19
C SER C 75 -3.20 -22.83 5.87
N SER C 76 -3.49 -24.14 6.01
CA SER C 76 -4.64 -24.60 6.78
C SER C 76 -4.25 -25.24 8.11
N VAL C 77 -3.26 -26.14 8.10
CA VAL C 77 -2.92 -26.98 9.29
C VAL C 77 -1.49 -26.78 9.84
N GLY C 78 -0.71 -25.91 9.20
CA GLY C 78 0.67 -25.70 9.55
C GLY C 78 0.86 -24.73 10.69
N GLY C 79 2.12 -24.35 10.90
CA GLY C 79 2.50 -23.37 11.90
C GLY C 79 2.94 -24.01 13.20
N ALA C 80 3.87 -23.35 13.88
CA ALA C 80 4.18 -23.70 15.26
C ALA C 80 2.98 -23.39 16.15
N ILE C 81 2.28 -22.31 15.83
CA ILE C 81 0.92 -22.09 16.31
C ILE C 81 -0.03 -22.18 15.13
N ASN C 82 -1.10 -22.94 15.31
CA ASN C 82 -2.20 -23.02 14.34
C ASN C 82 -3.49 -22.64 15.06
N ILE C 83 -4.21 -21.65 14.54
CA ILE C 83 -5.52 -21.32 15.06
C ILE C 83 -6.53 -21.57 13.94
N ASP C 84 -7.46 -22.48 14.20
CA ASP C 84 -8.55 -22.81 13.27
C ASP C 84 -9.86 -22.31 13.84
N MET C 85 -10.44 -21.31 13.22
CA MET C 85 -11.70 -20.74 13.69
C MET C 85 -12.92 -21.28 12.94
N SER C 86 -12.78 -22.38 12.19
CA SER C 86 -13.87 -22.88 11.35
C SER C 86 -15.18 -23.19 12.12
N LYS C 87 -15.06 -23.63 13.38
CA LYS C 87 -16.21 -24.00 14.20
C LYS C 87 -16.46 -23.07 15.38
N SER C 88 -16.07 -21.81 15.25
CA SER C 88 -16.13 -20.88 16.37
C SER C 88 -16.34 -19.46 15.90
N GLU C 89 -17.10 -18.71 16.68
CA GLU C 89 -17.20 -17.29 16.51
C GLU C 89 -15.93 -16.64 17.05
N GLY C 90 -15.79 -15.35 16.79
CA GLY C 90 -14.70 -14.57 17.31
C GLY C 90 -13.48 -14.49 16.40
N ALA C 91 -12.54 -13.66 16.84
CA ALA C 91 -11.25 -13.50 16.22
C ALA C 91 -10.34 -14.66 16.60
N ALA C 92 -9.40 -14.97 15.72
CA ALA C 92 -8.36 -15.94 16.05
C ALA C 92 -7.38 -15.35 17.05
N MET C 93 -6.90 -14.14 16.79
CA MET C 93 -5.99 -13.47 17.69
C MET C 93 -6.25 -11.98 17.83
N VAL C 94 -6.15 -11.51 19.06
CA VAL C 94 -6.26 -10.09 19.36
C VAL C 94 -5.03 -9.65 20.16
N MET C 95 -4.37 -8.60 19.69
CA MET C 95 -3.29 -7.94 20.45
C MET C 95 -3.79 -6.53 20.72
N TYR C 96 -3.86 -6.20 22.00
CA TYR C 96 -4.47 -4.97 22.46
C TYR C 96 -3.52 -4.26 23.41
N THR C 97 -3.47 -2.94 23.33
CA THR C 97 -2.78 -2.18 24.34
C THR C 97 -3.46 -0.85 24.61
N ASN C 98 -3.54 -0.52 25.89
CA ASN C 98 -3.99 0.78 26.37
C ASN C 98 -2.84 1.50 27.08
N LYS C 99 -1.60 1.06 26.83
CA LYS C 99 -0.44 1.72 27.40
C LYS C 99 -0.27 3.12 26.80
N ASP C 100 0.13 4.07 27.65
CA ASP C 100 0.34 5.44 27.23
C ASP C 100 1.53 5.55 26.27
N THR C 101 2.60 4.82 26.59
CA THR C 101 3.83 4.79 25.79
C THR C 101 4.50 3.44 26.07
N THR C 102 5.43 3.03 25.23
CA THR C 102 6.16 1.79 25.45
C THR C 102 7.43 1.71 24.62
N ASP C 103 8.14 0.61 24.72
CA ASP C 103 9.50 0.51 24.15
C ASP C 103 9.56 -0.30 22.85
N GLY C 104 8.45 -0.85 22.39
CA GLY C 104 8.43 -1.47 21.07
C GLY C 104 7.05 -1.72 20.49
N PRO C 105 7.01 -2.12 19.21
CA PRO C 105 5.73 -2.33 18.54
C PRO C 105 4.99 -3.56 19.05
N LEU C 106 3.68 -3.61 18.83
CA LEU C 106 2.87 -4.72 19.29
C LEU C 106 3.28 -6.06 18.66
N MET C 107 3.41 -6.05 17.35
CA MET C 107 3.76 -7.25 16.61
C MET C 107 4.97 -7.01 15.72
N ILE C 108 5.91 -7.94 15.76
CA ILE C 108 7.12 -7.88 14.95
C ILE C 108 7.29 -9.19 14.19
N LEU C 109 7.53 -9.08 12.90
CA LEU C 109 7.99 -10.18 12.07
C LEU C 109 9.37 -9.82 11.55
N ARG C 110 10.34 -10.72 11.71
CA ARG C 110 11.72 -10.47 11.30
C ARG C 110 12.38 -11.66 10.64
N SER C 111 12.97 -11.42 9.48
CA SER C 111 13.82 -12.36 8.78
C SER C 111 15.18 -11.70 8.55
N ASP C 112 16.25 -12.41 8.88
CA ASP C 112 17.62 -11.86 8.80
C ASP C 112 18.45 -12.18 7.56
N LYS C 113 18.18 -13.29 6.88
CA LYS C 113 19.00 -13.68 5.73
C LYS C 113 18.47 -13.13 4.41
N ASP C 114 19.33 -12.52 3.62
CA ASP C 114 18.91 -11.97 2.33
C ASP C 114 18.61 -13.07 1.30
N THR C 115 18.96 -14.33 1.58
CA THR C 115 18.56 -15.47 0.76
C THR C 115 17.16 -16.02 1.11
N PHE C 116 16.58 -15.55 2.22
CA PHE C 116 15.30 -16.08 2.69
C PHE C 116 14.26 -15.98 1.56
N ASP C 117 13.59 -17.10 1.28
CA ASP C 117 12.85 -17.28 0.04
C ASP C 117 11.34 -17.41 0.26
N GLN C 118 10.87 -16.92 1.41
CA GLN C 118 9.44 -16.87 1.70
C GLN C 118 9.13 -15.49 2.26
N SER C 119 7.83 -15.16 2.29
CA SER C 119 7.38 -13.89 2.84
C SER C 119 7.43 -13.90 4.35
N ALA C 120 7.48 -12.73 4.95
CA ALA C 120 7.20 -12.59 6.39
C ALA C 120 5.71 -12.83 6.67
N GLN C 121 4.84 -12.32 5.80
CA GLN C 121 3.39 -12.43 5.98
C GLN C 121 2.71 -12.71 4.65
N PHE C 122 1.83 -13.70 4.68
CA PHE C 122 1.01 -14.05 3.52
C PHE C 122 -0.45 -14.05 3.93
N VAL C 123 -1.25 -13.26 3.23
CA VAL C 123 -2.69 -13.23 3.40
C VAL C 123 -3.36 -13.83 2.17
N ASP C 124 -4.07 -14.94 2.38
CA ASP C 124 -4.74 -15.67 1.32
C ASP C 124 -6.23 -15.52 1.59
N TYR C 125 -6.84 -14.50 0.99
CA TYR C 125 -8.18 -14.09 1.38
C TYR C 125 -9.25 -14.40 0.36
N SER C 126 -10.24 -15.15 0.81
CA SER C 126 -11.56 -15.21 0.18
C SER C 126 -12.57 -14.59 1.11
N GLY C 127 -13.52 -13.85 0.54
CA GLY C 127 -14.53 -13.14 1.31
C GLY C 127 -15.08 -11.96 0.55
N LYS C 128 -15.95 -11.19 1.23
CA LYS C 128 -16.73 -10.11 0.63
C LYS C 128 -16.36 -8.74 1.21
N THR C 129 -15.36 -8.66 2.09
CA THR C 129 -14.93 -7.37 2.58
C THR C 129 -13.41 -7.23 2.39
N ASN C 130 -12.84 -6.17 2.95
CA ASN C 130 -11.43 -5.87 2.70
C ASN C 130 -10.54 -6.86 3.45
N ALA C 131 -9.58 -7.46 2.73
CA ALA C 131 -8.77 -8.54 3.31
C ALA C 131 -7.94 -8.02 4.48
N VAL C 132 -7.32 -6.86 4.29
CA VAL C 132 -6.56 -6.19 5.33
C VAL C 132 -7.05 -4.75 5.42
N ASN C 133 -7.29 -4.28 6.63
CA ASN C 133 -7.92 -3.00 6.85
C ASN C 133 -7.13 -2.29 7.94
N ILE C 134 -6.52 -1.16 7.60
CA ILE C 134 -5.68 -0.41 8.53
C ILE C 134 -6.29 0.95 8.73
N VAL C 135 -6.57 1.28 9.98
CA VAL C 135 -7.19 2.54 10.34
C VAL C 135 -6.32 3.33 11.30
N MET C 136 -5.99 4.58 10.94
CA MET C 136 -5.36 5.51 11.85
C MET C 136 -6.45 6.47 12.35
N ARG C 137 -6.76 6.38 13.63
CA ARG C 137 -7.80 7.21 14.26
C ARG C 137 -7.36 8.65 14.36
N GLN C 138 -8.34 9.53 14.56
CA GLN C 138 -8.06 10.95 14.66
C GLN C 138 -7.26 11.23 15.92
N PRO C 139 -6.04 11.78 15.79
CA PRO C 139 -5.28 12.14 16.99
C PRO C 139 -5.81 13.45 17.60
N SER C 140 -5.51 13.70 18.88
CA SER C 140 -5.85 14.98 19.55
C SER C 140 -5.14 16.15 18.91
N ALA C 141 -3.89 15.95 18.50
CA ALA C 141 -3.13 16.94 17.76
C ALA C 141 -2.58 16.28 16.48
N PRO C 142 -2.73 16.95 15.32
CA PRO C 142 -2.10 16.47 14.09
C PRO C 142 -0.59 16.27 14.25
N ASN C 143 -0.04 15.25 13.59
CA ASN C 143 1.37 14.94 13.71
C ASN C 143 1.75 14.20 12.42
N PHE C 144 3.04 14.14 12.10
CA PHE C 144 3.46 13.46 10.88
C PHE C 144 3.60 11.97 11.17
N SER C 145 2.53 11.24 10.92
CA SER C 145 2.51 9.79 11.03
C SER C 145 1.47 9.24 10.04
N SER C 146 1.69 8.01 9.62
CA SER C 146 0.93 7.38 8.55
C SER C 146 0.26 6.12 9.00
N ALA C 147 -0.78 5.72 8.27
CA ALA C 147 -1.39 4.41 8.52
C ALA C 147 -0.44 3.30 8.08
N LEU C 148 0.24 3.51 6.96
CA LEU C 148 1.14 2.52 6.37
C LEU C 148 2.39 3.19 5.83
N ASN C 149 3.54 2.68 6.26
CA ASN C 149 4.86 3.17 5.84
C ASN C 149 5.63 1.99 5.24
N ILE C 150 6.07 2.19 3.99
CA ILE C 150 6.77 1.18 3.22
C ILE C 150 8.15 1.73 2.84
N THR C 151 9.20 0.97 3.10
CA THR C 151 10.56 1.35 2.72
C THR C 151 11.31 0.15 2.16
N SER C 152 11.95 0.32 1.01
CA SER C 152 12.87 -0.70 0.49
C SER C 152 14.24 -0.09 0.18
N ALA C 153 15.28 -0.85 0.54
CA ALA C 153 16.64 -0.57 0.14
C ALA C 153 17.16 -1.52 -0.97
N ASN C 154 16.24 -2.22 -1.66
CA ASN C 154 16.57 -3.12 -2.75
C ASN C 154 16.37 -2.40 -4.09
N GLU C 155 17.47 -2.05 -4.74
CA GLU C 155 17.41 -1.36 -6.04
C GLU C 155 16.96 -2.24 -7.20
N GLY C 156 16.91 -3.54 -7.02
CA GLY C 156 16.50 -4.47 -8.07
C GLY C 156 14.99 -4.69 -8.20
N GLY C 157 14.21 -4.12 -7.28
CA GLY C 157 12.77 -4.36 -7.25
C GLY C 157 11.96 -3.18 -6.78
N SER C 158 10.76 -3.07 -7.33
CA SER C 158 9.79 -2.07 -6.89
C SER C 158 9.51 -2.24 -5.41
N ALA C 159 9.53 -1.15 -4.66
CA ALA C 159 9.21 -1.18 -3.22
C ALA C 159 7.82 -1.78 -2.98
N MET C 160 6.90 -1.47 -3.89
CA MET C 160 5.54 -1.99 -3.83
C MET C 160 4.98 -2.31 -5.21
N GLN C 161 4.19 -3.37 -5.27
CA GLN C 161 3.48 -3.80 -6.47
C GLN C 161 2.00 -3.94 -6.17
N ILE C 162 1.15 -3.47 -7.09
CA ILE C 162 -0.28 -3.74 -7.04
C ILE C 162 -0.76 -4.24 -8.41
N ARG C 163 -1.56 -5.32 -8.40
CA ARG C 163 -2.25 -5.80 -9.60
C ARG C 163 -3.72 -6.05 -9.30
N GLY C 164 -4.57 -5.54 -10.18
CA GLY C 164 -6.01 -5.77 -10.10
C GLY C 164 -6.62 -6.04 -11.47
N VAL C 165 -7.89 -6.44 -11.46
CA VAL C 165 -8.62 -6.85 -12.67
C VAL C 165 -9.98 -6.16 -12.76
N GLU C 166 -10.01 -4.87 -12.47
CA GLU C 166 -11.26 -4.14 -12.33
C GLU C 166 -11.97 -4.00 -13.69
N LYS C 167 -13.27 -4.20 -13.70
CA LYS C 167 -14.08 -3.89 -14.87
C LYS C 167 -14.22 -2.39 -15.05
N ALA C 168 -14.56 -1.66 -13.98
CA ALA C 168 -14.95 -0.25 -14.13
C ALA C 168 -14.52 0.61 -12.95
N LEU C 169 -13.32 0.34 -12.43
CA LEU C 169 -12.76 1.05 -11.31
C LEU C 169 -11.24 1.13 -11.46
N GLY C 170 -10.61 1.92 -10.59
CA GLY C 170 -9.16 1.96 -10.50
C GLY C 170 -8.60 0.78 -9.72
N THR C 171 -7.47 0.26 -10.18
CA THR C 171 -6.74 -0.75 -9.42
C THR C 171 -6.33 -0.22 -8.05
N LEU C 172 -5.82 1.01 -8.04
CA LEU C 172 -5.60 1.75 -6.79
C LEU C 172 -6.54 2.94 -6.82
N LYS C 173 -7.32 3.08 -5.77
CA LYS C 173 -8.20 4.21 -5.57
C LYS C 173 -7.70 5.03 -4.38
N ILE C 174 -7.42 6.29 -4.64
CA ILE C 174 -7.01 7.25 -3.64
C ILE C 174 -8.05 8.36 -3.58
N THR C 175 -8.55 8.61 -2.38
CA THR C 175 -9.38 9.77 -2.11
C THR C 175 -8.75 10.68 -1.06
N HIS C 176 -8.60 11.95 -1.41
CA HIS C 176 -8.31 12.98 -0.45
C HIS C 176 -9.61 13.68 -0.04
N GLU C 177 -9.85 13.73 1.27
CA GLU C 177 -11.00 14.39 1.83
C GLU C 177 -10.53 15.60 2.64
N ASN C 178 -11.16 16.76 2.44
CA ASN C 178 -10.80 17.97 3.18
C ASN C 178 -11.03 17.67 4.66
N PRO C 179 -10.02 17.84 5.52
CA PRO C 179 -10.27 17.64 6.95
C PRO C 179 -11.18 18.69 7.61
N ASN C 180 -11.37 19.83 6.94
CA ASN C 180 -12.04 20.99 7.52
C ASN C 180 -13.23 21.37 6.66
N VAL C 181 -14.22 22.03 7.27
CA VAL C 181 -15.39 22.52 6.52
C VAL C 181 -15.05 23.62 5.51
N GLU C 182 -14.04 24.44 5.80
CA GLU C 182 -13.69 25.57 4.93
C GLU C 182 -12.96 25.09 3.67
N ALA C 183 -13.41 25.60 2.52
CA ALA C 183 -13.04 25.09 1.21
C ALA C 183 -11.57 25.32 0.83
N LYS C 184 -10.95 26.39 1.31
CA LYS C 184 -9.52 26.64 1.05
C LYS C 184 -8.53 26.01 2.02
N TYR C 185 -9.00 25.38 3.07
CA TYR C 185 -8.11 24.86 4.12
C TYR C 185 -7.07 23.88 3.58
N ASP C 186 -7.47 23.04 2.62
CA ASP C 186 -6.59 21.97 2.10
C ASP C 186 -5.90 22.33 0.80
N GLU C 187 -5.72 23.61 0.55
CA GLU C 187 -5.22 24.07 -0.74
C GLU C 187 -3.81 23.59 -1.09
N ASN C 188 -2.99 23.29 -0.08
CA ASN C 188 -1.66 22.72 -0.31
C ASN C 188 -1.62 21.19 -0.34
N ALA C 189 -2.75 20.52 -0.11
CA ALA C 189 -2.80 19.05 -0.08
C ALA C 189 -2.92 18.46 -1.48
N ALA C 190 -2.73 17.14 -1.56
CA ALA C 190 -2.92 16.40 -2.80
C ALA C 190 -3.38 14.99 -2.51
N ALA C 191 -3.98 14.33 -3.50
CA ALA C 191 -4.25 12.90 -3.38
C ALA C 191 -2.94 12.09 -3.51
N LEU C 192 -2.13 12.46 -4.49
CA LEU C 192 -0.86 11.78 -4.74
C LEU C 192 0.26 12.82 -4.76
N SER C 193 1.29 12.59 -3.94
CA SER C 193 2.47 13.46 -3.89
C SER C 193 3.72 12.64 -4.20
N ILE C 194 4.49 13.08 -5.20
CA ILE C 194 5.69 12.38 -5.63
C ILE C 194 6.91 13.25 -5.42
N ASP C 195 7.96 12.68 -4.83
CA ASP C 195 9.29 13.30 -4.77
C ASP C 195 10.36 12.38 -5.37
N ILE C 196 11.36 13.03 -5.95
CA ILE C 196 12.43 12.37 -6.68
C ILE C 196 13.72 12.97 -6.12
N VAL C 197 14.49 12.16 -5.39
CA VAL C 197 15.67 12.69 -4.70
C VAL C 197 16.94 11.95 -5.03
N LYS C 198 18.04 12.67 -4.84
CA LYS C 198 19.38 12.11 -4.97
C LYS C 198 19.68 11.25 -3.76
N LYS C 199 20.69 10.39 -3.87
CA LYS C 199 21.16 9.60 -2.74
C LYS C 199 21.47 10.51 -1.54
N GLN C 200 20.98 10.16 -0.36
CA GLN C 200 21.10 11.01 0.82
C GLN C 200 22.55 11.22 1.23
N LYS C 201 23.36 10.16 1.18
CA LYS C 201 24.77 10.24 1.52
C LYS C 201 25.62 10.38 0.25
N GLY C 202 25.93 11.65 -0.08
CA GLY C 202 26.90 11.97 -1.12
C GLY C 202 26.38 11.94 -2.55
N GLY C 203 25.06 11.96 -2.72
CA GLY C 203 24.50 11.85 -4.05
C GLY C 203 24.83 13.07 -4.88
N LYS C 204 25.18 12.85 -6.14
CA LYS C 204 25.47 13.95 -7.08
C LYS C 204 24.26 14.42 -7.89
N GLY C 205 23.14 13.70 -7.78
CA GLY C 205 21.92 14.05 -8.50
C GLY C 205 21.07 12.82 -8.81
N THR C 206 20.11 13.01 -9.71
CA THR C 206 19.24 11.93 -10.14
C THR C 206 18.69 12.23 -11.53
N ALA C 207 18.41 11.15 -12.27
CA ALA C 207 17.72 11.24 -13.54
C ALA C 207 16.41 10.47 -13.53
N ALA C 208 15.92 10.11 -12.34
CA ALA C 208 14.67 9.34 -12.21
C ALA C 208 13.46 10.16 -12.66
N GLN C 209 12.45 9.45 -13.14
CA GLN C 209 11.22 10.02 -13.68
C GLN C 209 10.15 10.10 -12.60
N GLY C 210 9.19 10.99 -12.77
CA GLY C 210 8.07 11.10 -11.82
C GLY C 210 7.08 9.95 -12.01
N ILE C 211 6.29 10.05 -13.07
CA ILE C 211 5.30 9.04 -13.43
C ILE C 211 5.64 8.47 -14.80
N TYR C 212 5.67 7.15 -14.89
CA TYR C 212 5.85 6.41 -16.16
C TYR C 212 4.59 5.58 -16.39
N ILE C 213 3.86 5.85 -17.47
CA ILE C 213 2.68 5.09 -17.84
C ILE C 213 2.96 4.36 -19.15
N ASN C 214 2.64 3.07 -19.18
CA ASN C 214 2.75 2.26 -20.41
C ASN C 214 1.54 1.34 -20.54
N SER C 215 1.31 0.85 -21.74
CA SER C 215 0.52 -0.36 -21.95
C SER C 215 1.35 -1.30 -22.79
N THR C 216 1.96 -2.29 -22.15
CA THR C 216 2.82 -3.21 -22.87
C THR C 216 2.07 -3.93 -23.98
N SER C 217 0.84 -4.36 -23.73
CA SER C 217 0.03 -5.00 -24.77
C SER C 217 -0.79 -4.02 -25.63
N GLY C 218 -0.94 -2.77 -25.18
CA GLY C 218 -1.56 -1.73 -26.00
C GLY C 218 -3.02 -1.52 -25.61
N THR C 219 -3.43 -0.27 -25.42
CA THR C 219 -4.77 0.03 -24.97
C THR C 219 -5.45 1.01 -25.89
N ALA C 220 -6.77 0.87 -26.03
CA ALA C 220 -7.62 1.85 -26.70
C ALA C 220 -8.04 2.98 -25.77
N GLY C 221 -7.74 2.90 -24.48
CA GLY C 221 -8.20 3.90 -23.53
C GLY C 221 -7.35 5.14 -23.50
N LYS C 222 -7.90 6.20 -22.89
CA LYS C 222 -7.11 7.39 -22.61
C LYS C 222 -6.04 7.05 -21.57
N MET C 223 -4.84 7.59 -21.75
CA MET C 223 -3.74 7.33 -20.82
C MET C 223 -3.89 8.17 -19.55
N LEU C 224 -4.42 9.37 -19.72
CA LEU C 224 -4.65 10.28 -18.61
C LEU C 224 -6.00 10.94 -18.85
N ARG C 225 -6.88 10.87 -17.87
CA ARG C 225 -8.19 11.50 -17.99
C ARG C 225 -8.48 12.29 -16.73
N ILE C 226 -8.63 13.60 -16.88
CA ILE C 226 -8.83 14.51 -15.78
C ILE C 226 -10.21 15.14 -15.89
N ARG C 227 -10.96 15.03 -14.80
CA ARG C 227 -12.29 15.57 -14.66
C ARG C 227 -12.37 16.39 -13.39
N ASN C 228 -13.36 17.28 -13.35
CA ASN C 228 -13.67 18.08 -12.17
C ASN C 228 -15.19 18.22 -12.17
N LYS C 229 -15.81 17.87 -11.04
CA LYS C 229 -17.28 17.66 -10.97
C LYS C 229 -17.80 16.72 -12.06
N ASN C 230 -17.06 15.64 -12.31
CA ASN C 230 -17.42 14.60 -13.29
C ASN C 230 -17.40 15.00 -14.76
N GLU C 231 -16.93 16.21 -15.06
CA GLU C 231 -16.89 16.74 -16.42
C GLU C 231 -15.45 16.70 -16.92
N ASP C 232 -15.26 16.17 -18.12
CA ASP C 232 -13.95 16.15 -18.75
C ASP C 232 -13.34 17.54 -18.90
N LYS C 233 -12.11 17.71 -18.39
CA LYS C 233 -11.37 18.94 -18.44
C LYS C 233 -10.08 18.84 -19.27
N PHE C 234 -9.37 17.72 -19.15
CA PHE C 234 -8.08 17.51 -19.81
C PHE C 234 -7.87 16.01 -19.98
N TYR C 235 -7.39 15.60 -21.14
CA TYR C 235 -7.01 14.20 -21.30
C TYR C 235 -5.88 14.03 -22.29
N VAL C 236 -5.17 12.90 -22.16
CA VAL C 236 -4.21 12.44 -23.16
C VAL C 236 -4.72 11.13 -23.72
N GLY C 237 -4.94 11.08 -25.03
CA GLY C 237 -5.49 9.90 -25.69
C GLY C 237 -4.46 8.81 -25.89
N PRO C 238 -4.90 7.64 -26.37
CA PRO C 238 -4.00 6.50 -26.62
C PRO C 238 -2.91 6.76 -27.67
N ASP C 239 -3.15 7.72 -28.55
CA ASP C 239 -2.17 8.16 -29.55
C ASP C 239 -1.22 9.27 -29.06
N GLY C 240 -1.45 9.78 -27.84
CA GLY C 240 -0.62 10.86 -27.29
C GLY C 240 -1.11 12.26 -27.55
N GLY C 241 -2.17 12.40 -28.36
CA GLY C 241 -2.83 13.69 -28.57
C GLY C 241 -3.49 14.10 -27.27
N PHE C 242 -3.52 15.40 -26.99
CA PHE C 242 -4.16 15.90 -25.80
C PHE C 242 -5.35 16.80 -26.13
N HIS C 243 -6.31 16.84 -25.21
CA HIS C 243 -7.38 17.81 -25.24
C HIS C 243 -7.35 18.61 -23.95
N SER C 244 -7.29 19.94 -24.07
CA SER C 244 -7.37 20.84 -22.93
C SER C 244 -8.65 21.66 -23.02
N GLY C 245 -9.37 21.78 -21.90
CA GLY C 245 -10.71 22.37 -21.90
C GLY C 245 -10.80 23.87 -21.65
N ALA C 246 -9.67 24.58 -21.64
CA ALA C 246 -9.67 26.01 -21.39
C ALA C 246 -8.37 26.67 -21.83
N ASN C 247 -8.37 28.00 -21.78
CA ASN C 247 -7.20 28.80 -22.16
C ASN C 247 -5.94 28.24 -21.53
N SER C 248 -4.88 28.16 -22.33
CA SER C 248 -3.63 27.54 -21.94
C SER C 248 -2.44 28.40 -22.38
N THR C 249 -1.26 28.09 -21.86
CA THR C 249 -0.05 28.86 -22.09
C THR C 249 1.17 27.96 -22.23
N VAL C 250 2.03 28.29 -23.18
CA VAL C 250 3.38 27.73 -23.26
C VAL C 250 4.35 28.90 -23.06
N ALA C 251 5.18 28.84 -22.02
CA ALA C 251 6.26 29.82 -21.83
C ALA C 251 7.44 29.42 -22.70
N GLY C 252 7.28 29.63 -24.01
CA GLY C 252 8.22 29.16 -25.03
C GLY C 252 7.48 29.04 -26.35
N ASN C 253 8.17 28.51 -27.35
CA ASN C 253 7.56 28.26 -28.66
C ASN C 253 6.87 26.90 -28.66
N LEU C 254 5.81 26.79 -29.45
CA LEU C 254 5.17 25.50 -29.71
C LEU C 254 5.37 25.13 -31.17
N THR C 255 6.02 24.00 -31.41
CA THR C 255 6.16 23.43 -32.73
C THR C 255 4.92 22.58 -33.09
N VAL C 256 4.35 22.86 -34.27
CA VAL C 256 3.15 22.18 -34.78
C VAL C 256 3.29 21.91 -36.27
N LYS C 257 2.40 21.06 -36.79
CA LYS C 257 2.28 20.85 -38.22
C LYS C 257 1.60 22.06 -38.87
N ASP C 258 1.90 22.26 -40.17
CA ASP C 258 1.20 23.29 -40.97
C ASP C 258 -0.31 23.03 -40.94
N PRO C 259 -1.11 24.09 -40.81
CA PRO C 259 -2.55 23.90 -40.70
C PRO C 259 -3.18 23.46 -42.02
N THR C 260 -4.16 22.56 -41.95
CA THR C 260 -4.99 22.18 -43.08
C THR C 260 -6.47 22.38 -42.80
N SER C 261 -6.82 23.00 -41.67
CA SER C 261 -8.21 23.25 -41.34
C SER C 261 -8.27 24.61 -40.69
N GLY C 262 -9.45 25.22 -40.71
CA GLY C 262 -9.65 26.59 -40.28
C GLY C 262 -9.19 26.96 -38.89
N LYS C 263 -9.46 26.07 -37.93
CA LYS C 263 -9.07 26.31 -36.53
C LYS C 263 -7.72 25.70 -36.10
N HIS C 264 -6.98 25.11 -37.04
CA HIS C 264 -5.61 24.68 -36.76
C HIS C 264 -4.71 25.89 -36.56
N ALA C 265 -3.83 25.81 -35.57
CA ALA C 265 -2.81 26.83 -35.35
C ALA C 265 -1.98 27.00 -36.61
N ALA C 266 -1.71 28.24 -36.98
CA ALA C 266 -0.87 28.52 -38.15
C ALA C 266 0.59 28.52 -37.73
N THR C 267 1.43 27.90 -38.55
CA THR C 267 2.87 27.97 -38.38
C THR C 267 3.45 29.26 -38.98
N LYS C 268 4.67 29.58 -38.58
CA LYS C 268 5.42 30.66 -39.19
C LYS C 268 5.55 30.47 -40.71
N ASP C 269 5.85 29.25 -41.13
CA ASP C 269 5.91 28.90 -42.55
C ASP C 269 4.61 29.20 -43.28
N TYR C 270 3.47 28.81 -42.71
CA TYR C 270 2.19 29.07 -43.36
C TYR C 270 1.96 30.57 -43.55
N VAL C 271 2.24 31.35 -42.50
CA VAL C 271 2.09 32.81 -42.56
C VAL C 271 3.00 33.40 -43.62
N ASP C 272 4.28 33.02 -43.59
CA ASP C 272 5.28 33.53 -44.53
C ASP C 272 4.97 33.17 -45.99
N GLU C 273 4.50 31.95 -46.23
CA GLU C 273 4.09 31.53 -47.57
C GLU C 273 2.87 32.31 -48.09
N LYS C 274 1.88 32.53 -47.22
CA LYS C 274 0.70 33.31 -47.63
C LYS C 274 1.04 34.77 -47.91
N ILE C 275 1.94 35.34 -47.10
CA ILE C 275 2.42 36.70 -47.32
C ILE C 275 3.18 36.78 -48.65
N ALA C 276 4.08 35.82 -48.92
CA ALA C 276 4.84 35.79 -50.18
C ALA C 276 3.96 35.60 -51.41
N GLU C 277 2.90 34.80 -51.28
CA GLU C 277 1.95 34.57 -52.38
C GLU C 277 1.21 35.86 -52.75
N LEU C 278 0.74 36.57 -51.74
CA LEU C 278 0.04 37.83 -51.97
C LEU C 278 0.98 38.88 -52.58
N LYS C 279 2.18 38.99 -52.00
CA LYS C 279 3.21 39.89 -52.48
C LYS C 279 3.50 39.68 -53.95
N LYS C 280 3.76 38.44 -54.35
CA LYS C 280 4.03 38.09 -55.75
C LYS C 280 2.89 38.50 -56.68
N LEU C 281 1.67 38.11 -56.32
CA LEU C 281 0.49 38.43 -57.09
C LEU C 281 0.31 39.95 -57.27
N ILE C 282 0.50 40.71 -56.20
CA ILE C 282 0.37 42.17 -56.27
C ILE C 282 1.49 42.84 -57.09
N LEU C 283 2.74 42.43 -56.85
CA LEU C 283 3.86 42.96 -57.62
C LEU C 283 3.74 42.69 -59.12
N LYS C 284 3.15 41.56 -59.48
CA LYS C 284 2.90 41.20 -60.88
C LYS C 284 1.88 42.14 -61.49
N LYS C 285 0.78 42.41 -60.80
CA LYS C 285 -0.22 43.37 -61.29
C LYS C 285 0.35 44.78 -61.40
N LEU C 286 1.13 45.19 -60.39
CA LEU C 286 1.79 46.49 -60.40
C LEU C 286 2.75 46.65 -61.60
N GLU C 287 3.56 45.64 -61.86
CA GLU C 287 4.53 45.64 -62.96
C GLU C 287 3.89 45.72 -64.35
N HIS C 288 2.69 45.14 -64.52
CA HIS C 288 2.08 44.91 -65.85
C HIS C 288 0.84 45.73 -66.18
N HIS C 289 0.30 46.54 -65.27
CA HIS C 289 -0.88 47.38 -65.59
C HIS C 289 -0.50 48.55 -66.51
N HIS C 290 -1.44 48.96 -67.38
CA HIS C 290 -1.29 50.08 -68.33
C HIS C 290 -2.49 51.05 -68.21
N HIS C 291 -2.22 52.36 -68.34
CA HIS C 291 -3.25 53.40 -68.45
C HIS C 291 -3.20 54.02 -69.85
#